data_8JHF
#
_entry.id   8JHF
#
_cell.length_a   1.00
_cell.length_b   1.00
_cell.length_c   1.00
_cell.angle_alpha   90.00
_cell.angle_beta   90.00
_cell.angle_gamma   90.00
#
_symmetry.space_group_name_H-M   'P 1'
#
loop_
_entity.id
_entity.type
_entity.pdbx_description
1 polymer 'Histone-lysine N-methyltransferase KMT5B'
2 polymer 'Histone H3.1'
3 polymer 'Histone H4'
4 polymer 'Histone H2A.Z'
5 polymer 'Histone H2B type 1-K'
6 polymer 'DNA (160-MER)'
7 polymer 'DNA (160-MER)'
8 non-polymer 'ZINC ION'
9 non-polymer S-ADENOSYLMETHIONINE
#
loop_
_entity_poly.entity_id
_entity_poly.type
_entity_poly.pdbx_seq_one_letter_code
_entity_poly.pdbx_strand_id
1 'polypeptide(L)'
;MKWLGESKNMVVNGRRNGGKLSNDHQQNQSKLQHTGKDTLKAGKNAVERRSNRCNGNSGFEGQSRYVPSSGMSAKELCEN
DDLATSLVLDPYLGFQTHKMNTSAFPSRSSRHFSKSDSFSHNNPVRFRPIKGRQEELKEVIERFKKDEHLEKAFKCLTSG
EWARHYFLNKNKMQEKLFKEHVFIYLRMFATDSGFEILPCNRYSSEQNGAKIVATKEWKRNDKIELLVGCIAELSEIEEN
MLLRHGENDFSVMYSTRKNCAQLWLGPAAFINHDCRPNCKFVSTGRDTACVKALRDIEPGEEISCYYGDGFFGENNEFCE
CYTCERRGTGAFKSRVGLPAPAPVINSKYGLRETDKRLNRL
;
K
2 'polypeptide(L)'
;MARTKQTARKSTGGKAPRKQLATKAARKSAPATGGVKKPHRYRPGTVALREIRRYQKSTELLIRKLPFQRLVREIAQDFK
TDLRFQSSAVMALQEACEAYLVGLFEDTNLCAIHAKRVTIMPKDIQLARRIRGERA
;
A,E
3 'polypeptide(L)'
;RHRMVLRDNIQGITKPAIRRLARRGGVKRISGLIYEETRGVLKVFLENVIRDAVTYTEHAKRKTVTAMDVVYALKRQGRT
LYGFGG
;
B,F
4 'polypeptide(L)'
;KTKAVSRSQRAGLQFPVGRIHRHLKSRTTSHGRVGATAAVYSAAILEYLTAEVLELAGNASKDLKVKRITPRHLQLAIRG
DEELDSLIKATIAGGGVIPHIHKSLIGKKGQQK
;
C,G
5 'polypeptide(L)'
;RSRKESYSVYVYKVLKQVHPDTGISSKAMGIMNSFVNDIFERIAGEASRLAHYNKRSTITSREIQTAVRLLLPGELAKHA
VSEGTKAVTKYTSAK
;
D,H
6 'polydeoxyribonucleotide'
;(DA)(DT)(DC)(DC)(DG)(DA)(DT)(DC)(DC)(DC)(DC)(DT)(DG)(DG)(DA)(DG)(DA)(DA)(DT)(DC)
(DC)(DC)(DG)(DG)(DT)(DG)(DC)(DC)(DG)(DA)(DG)(DG)(DC)(DC)(DG)(DC)(DT)(DC)(DA)(DA)
(DT)(DT)(DG)(DG)(DT)(DC)(DG)(DT)(DA)(DG)(DA)(DC)(DA)(DG)(DC)(DT)(DC)(DT)(DA)(DG)
(DC)(DA)(DC)(DC)(DG)(DC)(DT)(DT)(DA)(DA)(DA)(DC)(DG)(DC)(DA)(DC)(DG)(DT)(DA)(DC)
(DG)(DC)(DG)(DC)(DT)(DG)(DT)(DC)(DC)(DC)(DC)(DC)(DG)(DC)(DG)(DT)(DT)(DT)(DT)(DA)
(DA)(DC)(DC)(DG)(DC)(DC)(DA)(DA)(DG)(DG)(DG)(DG)(DA)(DT)(DT)(DA)(DC)(DT)(DC)(DC)
(DC)(DT)(DA)(DG)(DT)(DC)(DT)(DC)(DC)(DA)(DG)(DG)(DC)(DA)(DC)(DG)(DT)(DG)(DT)(DC)
(DA)(DG)(DA)(DT)(DA)(DT)(DA)(DT)(DA)(DC)(DA)(DT)(DC)(DC)(DT)(DG)(DT)(DT)(DC)(DC)
;
I
7 'polydeoxyribonucleotide'
;(DG)(DG)(DA)(DA)(DC)(DA)(DG)(DG)(DA)(DT)(DG)(DT)(DA)(DT)(DA)(DT)(DA)(DT)(DC)(DT)
(DG)(DA)(DC)(DA)(DC)(DG)(DT)(DG)(DC)(DC)(DT)(DG)(DG)(DA)(DG)(DA)(DC)(DT)(DA)(DG)
(DG)(DG)(DA)(DG)(DT)(DA)(DA)(DT)(DC)(DC)(DC)(DC)(DT)(DT)(DG)(DG)(DC)(DG)(DG)(DT)
(DT)(DA)(DA)(DA)(DA)(DC)(DG)(DC)(DG)(DG)(DG)(DG)(DG)(DA)(DC)(DA)(DG)(DC)(DG)(DC)
(DG)(DT)(DA)(DC)(DG)(DT)(DG)(DC)(DG)(DT)(DT)(DT)(DA)(DA)(DG)(DC)(DG)(DG)(DT)(DG)
(DC)(DT)(DA)(DG)(DA)(DG)(DC)(DT)(DG)(DT)(DC)(DT)(DA)(DC)(DG)(DA)(DC)(DC)(DA)(DA)
(DT)(DT)(DG)(DA)(DG)(DC)(DG)(DG)(DC)(DC)(DT)(DC)(DG)(DG)(DC)(DA)(DC)(DC)(DG)(DG)
(DG)(DA)(DT)(DT)(DC)(DT)(DC)(DC)(DA)(DG)(DG)(DG)(DG)(DA)(DT)(DC)(DG)(DG)(DA)(DT)
;
J
#
loop_
_chem_comp.id
_chem_comp.type
_chem_comp.name
_chem_comp.formula
DA DNA linking 2'-DEOXYADENOSINE-5'-MONOPHOSPHATE 'C10 H14 N5 O6 P'
DC DNA linking 2'-DEOXYCYTIDINE-5'-MONOPHOSPHATE 'C9 H14 N3 O7 P'
DG DNA linking 2'-DEOXYGUANOSINE-5'-MONOPHOSPHATE 'C10 H14 N5 O7 P'
DT DNA linking THYMIDINE-5'-MONOPHOSPHATE 'C10 H15 N2 O8 P'
SAM non-polymer S-ADENOSYLMETHIONINE 'C15 H22 N6 O5 S'
ZN non-polymer 'ZINC ION' 'Zn 2'
#
# COMPACT_ATOMS: atom_id res chain seq x y z
N SER A 69 -35.59 -16.64 8.56
CA SER A 69 -35.33 -15.31 8.03
C SER A 69 -35.44 -14.25 9.13
N SER A 70 -34.30 -13.78 9.63
CA SER A 70 -34.23 -12.76 10.67
C SER A 70 -34.99 -13.22 11.92
N GLY A 71 -34.45 -14.28 12.53
CA GLY A 71 -35.06 -14.83 13.73
C GLY A 71 -35.21 -13.81 14.84
N MET A 72 -34.21 -12.95 15.00
CA MET A 72 -34.37 -11.82 15.91
C MET A 72 -35.30 -10.78 15.29
N SER A 73 -36.21 -10.26 16.12
CA SER A 73 -37.21 -9.26 15.74
C SER A 73 -38.25 -9.81 14.77
N ALA A 74 -38.08 -11.06 14.34
CA ALA A 74 -39.03 -11.81 13.50
C ALA A 74 -39.50 -10.90 12.36
N LYS A 75 -40.81 -10.78 12.11
CA LYS A 75 -41.35 -9.90 11.09
C LYS A 75 -42.47 -9.07 11.71
N GLU A 76 -42.99 -8.12 10.92
CA GLU A 76 -43.98 -7.16 11.40
C GLU A 76 -43.43 -6.37 12.59
N LEU A 77 -42.36 -5.63 12.33
CA LEU A 77 -41.64 -4.89 13.36
C LEU A 77 -41.87 -3.39 13.33
N CYS A 78 -42.38 -2.86 12.22
CA CYS A 78 -42.57 -1.41 12.12
C CYS A 78 -43.52 -0.90 13.18
N GLU A 79 -44.61 -1.62 13.43
CA GLU A 79 -45.53 -1.25 14.50
C GLU A 79 -44.83 -1.29 15.85
N ASN A 80 -44.17 -2.40 16.17
CA ASN A 80 -43.51 -2.54 17.46
C ASN A 80 -42.41 -1.50 17.63
N ASP A 81 -41.63 -1.25 16.56
CA ASP A 81 -40.60 -0.23 16.64
C ASP A 81 -41.20 1.14 16.88
N ASP A 82 -42.30 1.47 16.21
CA ASP A 82 -42.91 2.78 16.39
C ASP A 82 -43.43 2.95 17.82
N LEU A 83 -44.04 1.90 18.38
CA LEU A 83 -44.47 1.97 19.78
C LEU A 83 -43.28 2.15 20.72
N ALA A 84 -42.19 1.41 20.47
CA ALA A 84 -41.01 1.55 21.31
C ALA A 84 -40.46 2.96 21.24
N THR A 85 -40.42 3.55 20.04
CA THR A 85 -39.97 4.93 19.91
C THR A 85 -40.90 5.89 20.63
N SER A 86 -42.21 5.70 20.50
CA SER A 86 -43.16 6.61 21.13
C SER A 86 -43.03 6.58 22.65
N LEU A 87 -42.87 5.38 23.23
CA LEU A 87 -42.73 5.28 24.67
C LEU A 87 -41.43 5.85 25.20
N VAL A 88 -40.48 6.20 24.33
CA VAL A 88 -39.18 6.72 24.74
C VAL A 88 -38.90 8.10 24.16
N LEU A 89 -39.12 8.26 22.86
CA LEU A 89 -38.68 9.47 22.17
C LEU A 89 -39.65 10.64 22.29
N ASP A 90 -40.89 10.39 22.67
CA ASP A 90 -41.87 11.48 22.74
C ASP A 90 -41.50 12.55 23.75
N PRO A 91 -41.16 12.24 25.01
CA PRO A 91 -40.81 13.31 25.95
C PRO A 91 -39.61 14.14 25.51
N TYR A 92 -38.59 13.51 24.95
CA TYR A 92 -37.39 14.24 24.58
C TYR A 92 -37.59 15.06 23.32
N LEU A 93 -38.31 14.49 22.34
CA LEU A 93 -38.65 15.24 21.12
C LEU A 93 -39.65 16.34 21.42
N GLY A 94 -40.72 16.00 22.16
CA GLY A 94 -41.83 16.90 22.35
C GLY A 94 -42.83 16.90 21.22
N PHE A 95 -42.56 16.19 20.13
CA PHE A 95 -43.44 16.10 18.98
C PHE A 95 -43.10 14.84 18.21
N GLN A 96 -44.04 14.40 17.38
CA GLN A 96 -43.92 13.11 16.71
C GLN A 96 -43.16 13.23 15.40
N THR A 97 -42.26 12.26 15.17
CA THR A 97 -41.57 12.09 13.89
C THR A 97 -41.34 10.60 13.73
N HIS A 98 -42.24 9.92 13.03
CA HIS A 98 -42.21 8.46 13.02
C HIS A 98 -42.74 7.97 11.68
N LYS A 99 -42.76 6.65 11.55
CA LYS A 99 -43.30 5.97 10.37
C LYS A 99 -44.49 5.12 10.81
N MET A 100 -45.69 5.57 10.48
CA MET A 100 -46.90 4.83 10.81
C MET A 100 -46.97 3.53 10.02
N ASN A 101 -47.77 2.59 10.51
CA ASN A 101 -47.92 1.30 9.84
C ASN A 101 -48.55 1.48 8.46
N THR A 102 -49.55 2.36 8.35
CA THR A 102 -50.19 2.61 7.06
C THR A 102 -50.33 4.12 6.81
N GLN A 134 -43.07 6.81 28.49
CA GLN A 134 -42.87 8.23 28.17
C GLN A 134 -42.33 8.98 29.38
N GLU A 135 -42.06 8.26 30.46
CA GLU A 135 -41.53 8.86 31.67
C GLU A 135 -40.06 9.20 31.52
N GLU A 136 -39.68 10.38 32.01
CA GLU A 136 -38.28 10.80 31.94
C GLU A 136 -37.78 11.28 33.31
N LEU A 137 -38.69 11.81 34.13
CA LEU A 137 -38.27 12.34 35.43
C LEU A 137 -38.06 11.22 36.44
N LYS A 138 -39.11 10.45 36.73
CA LYS A 138 -38.96 9.31 37.63
C LYS A 138 -38.14 8.20 36.99
N GLU A 139 -38.15 8.11 35.66
CA GLU A 139 -37.40 7.08 34.95
C GLU A 139 -35.93 7.47 34.85
N VAL A 140 -35.15 6.60 34.20
CA VAL A 140 -33.71 6.79 34.11
C VAL A 140 -33.32 7.68 32.92
N ILE A 141 -34.29 8.18 32.16
CA ILE A 141 -33.96 9.02 31.01
C ILE A 141 -33.20 10.28 31.46
N GLU A 142 -33.69 10.92 32.52
CA GLU A 142 -32.99 12.06 33.10
C GLU A 142 -32.02 11.66 34.20
N ARG A 143 -32.01 10.40 34.62
CA ARG A 143 -31.16 9.93 35.70
C ARG A 143 -29.91 9.22 35.21
N PHE A 144 -29.67 9.19 33.90
CA PHE A 144 -28.49 8.50 33.38
C PHE A 144 -27.20 9.16 33.86
N LYS A 145 -27.23 10.46 34.11
CA LYS A 145 -26.04 11.13 34.63
C LYS A 145 -25.66 10.63 36.02
N LYS A 146 -26.67 10.36 36.86
CA LYS A 146 -26.40 9.92 38.22
C LYS A 146 -25.96 8.45 38.26
N ASP A 147 -26.82 7.56 37.79
CA ASP A 147 -26.52 6.13 37.84
C ASP A 147 -27.42 5.40 36.84
N GLU A 148 -27.03 4.17 36.52
CA GLU A 148 -27.81 3.32 35.63
C GLU A 148 -28.96 2.70 36.40
N HIS A 149 -30.18 3.10 36.07
CA HIS A 149 -31.40 2.58 36.67
C HIS A 149 -32.35 2.08 35.58
N LEU A 150 -31.81 1.29 34.66
CA LEU A 150 -32.60 0.80 33.54
C LEU A 150 -33.74 -0.10 34.02
N GLU A 151 -33.46 -0.94 35.02
CA GLU A 151 -34.49 -1.85 35.53
C GLU A 151 -35.65 -1.09 36.16
N LYS A 152 -35.33 -0.04 36.93
CA LYS A 152 -36.39 0.76 37.56
C LYS A 152 -37.26 1.45 36.51
N ALA A 153 -36.63 1.97 35.45
CA ALA A 153 -37.40 2.55 34.36
C ALA A 153 -38.29 1.51 33.69
N PHE A 154 -37.75 0.31 33.48
CA PHE A 154 -38.53 -0.75 32.88
C PHE A 154 -39.75 -1.08 33.73
N LYS A 155 -39.56 -1.18 35.05
CA LYS A 155 -40.68 -1.47 35.94
C LYS A 155 -41.71 -0.35 35.94
N CYS A 156 -41.26 0.91 35.98
CA CYS A 156 -42.19 2.02 36.06
C CYS A 156 -43.00 2.16 34.77
N LEU A 157 -42.37 1.89 33.62
CA LEU A 157 -43.14 1.81 32.38
C LEU A 157 -44.11 0.62 32.41
N THR A 158 -43.65 -0.53 32.92
CA THR A 158 -44.49 -1.73 32.91
C THR A 158 -45.74 -1.56 33.75
N SER A 159 -45.66 -0.78 34.83
CA SER A 159 -46.81 -0.57 35.69
C SER A 159 -47.95 0.19 35.00
N GLY A 160 -47.69 0.79 33.84
CA GLY A 160 -48.70 1.59 33.17
C GLY A 160 -49.72 0.77 32.39
N GLU A 161 -50.74 1.46 31.91
CA GLU A 161 -51.82 0.82 31.15
C GLU A 161 -51.30 0.29 29.81
N TRP A 162 -50.60 1.14 29.05
CA TRP A 162 -50.21 0.77 27.70
C TRP A 162 -49.24 -0.41 27.69
N ALA A 163 -48.26 -0.40 28.61
CA ALA A 163 -47.29 -1.49 28.65
C ALA A 163 -47.96 -2.81 29.02
N ARG A 164 -48.87 -2.78 30.00
CA ARG A 164 -49.58 -4.00 30.39
C ARG A 164 -50.45 -4.51 29.25
N HIS A 165 -51.13 -3.61 28.55
CA HIS A 165 -51.95 -4.02 27.40
C HIS A 165 -51.09 -4.63 26.30
N TYR A 166 -49.93 -4.03 26.02
CA TYR A 166 -49.06 -4.55 24.96
C TYR A 166 -48.48 -5.89 25.36
N PHE A 167 -48.16 -6.08 26.63
CA PHE A 167 -47.71 -7.39 27.11
C PHE A 167 -48.83 -8.42 26.97
N LEU A 168 -50.06 -8.04 27.29
CA LEU A 168 -51.19 -8.96 27.17
C LEU A 168 -51.48 -9.29 25.70
N ASN A 169 -51.13 -8.39 24.78
CA ASN A 169 -51.33 -8.67 23.36
C ASN A 169 -50.49 -9.86 22.91
N LYS A 170 -49.24 -9.94 23.39
CA LYS A 170 -48.35 -11.03 23.03
C LYS A 170 -47.51 -11.39 24.24
N ASN A 171 -47.75 -12.59 24.79
CA ASN A 171 -47.05 -13.08 25.98
C ASN A 171 -46.08 -14.17 25.58
N LYS A 172 -44.85 -14.09 26.12
CA LYS A 172 -43.73 -15.01 25.90
C LYS A 172 -43.07 -14.80 24.53
N MET A 173 -43.65 -13.98 23.65
CA MET A 173 -42.95 -13.51 22.47
C MET A 173 -43.06 -12.00 22.38
N GLN A 174 -42.05 -11.40 21.76
CA GLN A 174 -41.92 -9.96 21.50
C GLN A 174 -41.58 -9.18 22.77
N GLU A 175 -41.67 -9.82 23.93
CA GLU A 175 -41.36 -9.13 25.17
C GLU A 175 -39.86 -8.90 25.31
N LYS A 176 -39.07 -9.91 24.98
CA LYS A 176 -37.62 -9.77 25.06
C LYS A 176 -37.09 -8.77 24.03
N LEU A 177 -37.70 -8.72 22.85
CA LEU A 177 -37.25 -7.72 21.87
C LEU A 177 -37.72 -6.32 22.25
N PHE A 178 -38.88 -6.20 22.90
CA PHE A 178 -39.24 -4.91 23.47
C PHE A 178 -38.22 -4.46 24.51
N LYS A 179 -37.79 -5.40 25.36
CA LYS A 179 -36.77 -5.09 26.36
C LYS A 179 -35.47 -4.67 25.70
N GLU A 180 -35.06 -5.37 24.65
CA GLU A 180 -33.82 -5.00 23.96
C GLU A 180 -33.94 -3.62 23.31
N HIS A 181 -35.08 -3.34 22.67
CA HIS A 181 -35.30 -2.04 22.05
C HIS A 181 -35.22 -0.92 23.07
N VAL A 182 -35.96 -1.07 24.18
CA VAL A 182 -35.95 -0.01 25.18
C VAL A 182 -34.57 0.13 25.81
N PHE A 183 -33.86 -0.99 26.01
CA PHE A 183 -32.52 -0.91 26.57
C PHE A 183 -31.58 -0.14 25.64
N ILE A 184 -31.66 -0.41 24.34
CA ILE A 184 -30.86 0.35 23.38
C ILE A 184 -31.23 1.83 23.43
N TYR A 185 -32.53 2.14 23.50
CA TYR A 185 -32.94 3.54 23.46
C TYR A 185 -32.47 4.29 24.70
N LEU A 186 -32.55 3.66 25.88
CA LEU A 186 -31.99 4.30 27.08
C LEU A 186 -30.48 4.40 26.99
N ARG A 187 -29.82 3.39 26.42
CA ARG A 187 -28.36 3.46 26.26
C ARG A 187 -27.96 4.59 25.32
N MET A 188 -28.85 4.97 24.41
CA MET A 188 -28.54 6.08 23.51
C MET A 188 -28.34 7.38 24.28
N PHE A 189 -29.14 7.60 25.32
CA PHE A 189 -28.89 8.73 26.20
C PHE A 189 -27.66 8.51 27.07
N ALA A 190 -27.43 7.26 27.50
CA ALA A 190 -26.29 6.98 28.36
C ALA A 190 -24.98 7.05 27.58
N THR A 191 -24.99 6.68 26.31
CA THR A 191 -23.80 6.71 25.48
C THR A 191 -23.72 8.07 24.77
N ASP A 192 -22.55 8.39 24.23
CA ASP A 192 -22.28 9.70 23.67
C ASP A 192 -23.08 9.89 22.38
N SER A 193 -24.35 10.28 22.54
CA SER A 193 -25.23 10.60 21.44
C SER A 193 -25.90 11.94 21.73
N GLY A 194 -26.01 12.78 20.71
CA GLY A 194 -26.66 14.06 20.86
C GLY A 194 -28.16 13.98 20.66
N PHE A 195 -28.57 13.44 19.51
CA PHE A 195 -29.97 13.33 19.13
C PHE A 195 -30.66 14.69 19.20
N GLU A 196 -30.09 15.64 18.47
CA GLU A 196 -30.64 16.99 18.44
C GLU A 196 -31.99 16.99 17.74
N ILE A 197 -32.92 17.76 18.28
CA ILE A 197 -34.26 17.91 17.68
C ILE A 197 -34.14 19.04 16.67
N LEU A 198 -33.72 18.68 15.46
CA LEU A 198 -33.48 19.66 14.41
C LEU A 198 -34.49 19.48 13.29
N PRO A 199 -35.51 20.32 13.21
CA PRO A 199 -36.49 20.19 12.13
C PRO A 199 -35.93 20.64 10.80
N CYS A 200 -36.79 20.74 9.78
CA CYS A 200 -36.44 21.18 8.44
C CYS A 200 -35.45 22.34 8.46
N ASN A 201 -34.30 22.13 7.82
CA ASN A 201 -33.22 23.12 7.78
C ASN A 201 -32.86 23.54 6.37
N ARG A 202 -32.69 22.59 5.45
CA ARG A 202 -32.38 22.93 4.07
C ARG A 202 -33.29 22.19 3.10
N TYR A 203 -33.82 21.04 3.52
CA TYR A 203 -34.71 20.24 2.70
C TYR A 203 -36.09 20.23 3.33
N SER A 204 -37.10 20.67 2.58
CA SER A 204 -38.47 20.79 3.04
C SER A 204 -39.33 19.60 2.66
N SER A 205 -38.72 18.52 2.18
CA SER A 205 -39.48 17.28 1.96
C SER A 205 -39.90 16.64 3.29
N GLU A 206 -39.38 17.13 4.40
CA GLU A 206 -39.72 16.62 5.72
C GLU A 206 -39.91 17.77 6.68
N GLN A 207 -40.55 17.47 7.81
CA GLN A 207 -40.72 18.40 8.90
C GLN A 207 -40.41 17.70 10.21
N ASN A 208 -40.14 18.52 11.24
CA ASN A 208 -39.91 18.07 12.62
C ASN A 208 -38.96 16.88 12.70
N GLY A 209 -37.88 16.96 11.91
CA GLY A 209 -36.88 15.90 11.89
C GLY A 209 -35.97 15.91 13.10
N ALA A 210 -35.18 14.85 13.21
CA ALA A 210 -34.24 14.67 14.32
C ALA A 210 -32.88 14.26 13.78
N LYS A 211 -31.82 14.81 14.37
CA LYS A 211 -30.46 14.53 13.95
C LYS A 211 -29.60 14.30 15.18
N ILE A 212 -28.51 13.55 15.00
CA ILE A 212 -27.58 13.22 16.08
C ILE A 212 -26.32 14.05 15.91
N VAL A 213 -25.92 14.73 16.98
CA VAL A 213 -24.69 15.54 17.00
C VAL A 213 -23.91 15.16 18.25
N ALA A 214 -22.88 14.33 18.08
CA ALA A 214 -22.03 13.93 19.19
C ALA A 214 -20.76 13.32 18.63
N THR A 215 -19.60 13.84 19.04
CA THR A 215 -18.32 13.29 18.62
C THR A 215 -17.29 13.64 19.69
N LYS A 216 -16.97 12.67 20.53
CA LYS A 216 -15.95 12.82 21.57
C LYS A 216 -14.78 11.91 21.24
N GLU A 217 -13.60 12.51 21.10
CA GLU A 217 -12.34 11.82 20.80
C GLU A 217 -12.52 10.70 19.78
N TRP A 218 -13.07 11.07 18.62
CA TRP A 218 -13.31 10.14 17.54
C TRP A 218 -12.48 10.54 16.32
N LYS A 219 -11.76 9.59 15.71
CA LYS A 219 -10.85 9.97 14.59
C LYS A 219 -11.46 9.63 13.24
N ARG A 220 -10.63 9.46 12.21
CA ARG A 220 -11.11 9.07 10.85
C ARG A 220 -11.74 7.67 10.86
N ASN A 221 -11.17 6.72 11.62
CA ASN A 221 -11.66 5.31 11.58
C ASN A 221 -12.05 4.82 12.99
N ASP A 222 -13.24 4.24 13.15
CA ASP A 222 -13.65 3.68 14.46
C ASP A 222 -14.99 2.94 14.34
N LYS A 223 -15.62 2.61 15.48
CA LYS A 223 -16.90 1.93 15.48
C LYS A 223 -17.79 2.51 16.57
N ILE A 224 -19.00 2.89 16.19
CA ILE A 224 -19.97 3.49 17.11
C ILE A 224 -20.97 2.40 17.51
N GLU A 225 -21.00 2.09 18.81
CA GLU A 225 -21.84 0.99 19.27
C GLU A 225 -23.31 1.40 19.37
N LEU A 226 -23.58 2.66 19.71
CA LEU A 226 -24.94 3.05 20.05
C LEU A 226 -25.89 2.94 18.87
N LEU A 227 -25.43 3.33 17.67
CA LEU A 227 -26.29 3.34 16.50
C LEU A 227 -26.48 1.91 16.01
N VAL A 228 -27.50 1.24 16.54
CA VAL A 228 -27.85 -0.11 16.11
C VAL A 228 -29.34 -0.14 15.81
N GLY A 229 -29.69 -0.64 14.64
CA GLY A 229 -31.07 -0.75 14.23
C GLY A 229 -31.42 -2.15 13.77
N CYS A 230 -32.39 -2.78 14.42
CA CYS A 230 -32.77 -4.14 14.04
C CYS A 230 -33.30 -4.16 12.61
N ILE A 231 -32.92 -5.20 11.87
CA ILE A 231 -33.15 -5.27 10.44
C ILE A 231 -34.02 -6.49 10.14
N ALA A 232 -34.99 -6.36 9.24
CA ALA A 232 -35.79 -7.54 8.84
C ALA A 232 -36.02 -7.52 7.32
N GLU A 233 -35.77 -8.66 6.64
CA GLU A 233 -35.86 -8.70 5.15
C GLU A 233 -37.31 -8.45 4.70
N LEU A 234 -37.48 -7.76 3.58
CA LEU A 234 -38.85 -7.50 3.05
C LEU A 234 -39.22 -8.55 2.01
N SER A 235 -40.33 -9.28 2.23
CA SER A 235 -40.78 -10.23 1.23
C SER A 235 -42.28 -10.08 1.07
N GLU A 236 -42.73 -9.72 -0.14
CA GLU A 236 -44.15 -9.55 -0.46
C GLU A 236 -44.82 -8.47 0.40
N ILE A 237 -44.05 -7.48 0.83
CA ILE A 237 -44.55 -6.39 1.66
C ILE A 237 -44.62 -5.08 0.87
N GLU A 238 -44.26 -5.09 -0.41
CA GLU A 238 -44.32 -3.87 -1.21
C GLU A 238 -45.74 -3.31 -1.25
N GLU A 239 -46.74 -4.17 -1.14
CA GLU A 239 -48.12 -3.69 -1.05
C GLU A 239 -48.35 -2.94 0.26
N ASN A 240 -47.88 -3.49 1.38
CA ASN A 240 -48.05 -2.84 2.66
C ASN A 240 -47.30 -1.51 2.71
N MET A 241 -46.09 -1.47 2.17
CA MET A 241 -45.29 -0.25 2.19
C MET A 241 -45.63 0.59 0.97
N LEU A 242 -46.49 1.58 1.17
CA LEU A 242 -46.96 2.43 0.08
C LEU A 242 -45.82 3.29 -0.46
N LEU A 243 -45.97 3.71 -1.72
CA LEU A 243 -44.91 4.45 -2.39
C LEU A 243 -44.51 5.70 -1.61
N ARG A 244 -45.49 6.39 -1.02
CA ARG A 244 -45.24 7.54 -0.17
C ARG A 244 -46.07 7.38 1.11
N HIS A 245 -45.42 7.02 2.20
CA HIS A 245 -46.08 6.95 3.49
C HIS A 245 -46.31 8.36 4.00
N GLY A 246 -47.48 8.91 3.71
CA GLY A 246 -47.70 10.31 3.98
C GLY A 246 -46.88 11.16 3.03
N GLU A 247 -45.85 11.81 3.56
CA GLU A 247 -44.92 12.53 2.70
C GLU A 247 -44.08 11.58 1.86
N ASN A 248 -43.58 10.50 2.47
CA ASN A 248 -42.71 9.56 1.79
C ASN A 248 -42.38 8.38 2.70
N ASP A 249 -41.81 7.33 2.11
CA ASP A 249 -41.26 6.25 2.90
C ASP A 249 -40.02 6.73 3.64
N PHE A 250 -39.92 6.36 4.92
CA PHE A 250 -38.88 6.93 5.78
C PHE A 250 -37.51 6.37 5.44
N SER A 251 -37.40 5.04 5.30
CA SER A 251 -36.10 4.42 5.08
C SER A 251 -36.30 3.03 4.51
N VAL A 252 -35.40 2.65 3.60
CA VAL A 252 -35.41 1.34 2.96
C VAL A 252 -34.06 1.14 2.29
N MET A 253 -33.65 -0.11 2.14
CA MET A 253 -32.34 -0.44 1.60
C MET A 253 -32.43 -1.56 0.58
N TYR A 254 -31.41 -1.65 -0.25
CA TYR A 254 -31.26 -2.68 -1.26
C TYR A 254 -30.07 -3.56 -0.90
N SER A 255 -30.29 -4.87 -0.89
CA SER A 255 -29.25 -5.79 -0.42
C SER A 255 -28.05 -5.80 -1.36
N THR A 256 -28.30 -5.78 -2.67
CA THR A 256 -27.34 -5.92 -3.77
C THR A 256 -26.77 -7.32 -3.86
N ARG A 257 -27.14 -8.22 -2.93
CA ARG A 257 -26.76 -9.63 -3.04
C ARG A 257 -28.00 -10.50 -3.17
N LYS A 258 -28.97 -10.36 -2.26
CA LYS A 258 -30.22 -11.10 -2.38
C LYS A 258 -31.19 -10.41 -3.34
N ASN A 259 -30.90 -9.15 -3.68
CA ASN A 259 -31.68 -8.32 -4.59
C ASN A 259 -33.11 -8.10 -4.11
N CYS A 260 -33.34 -8.11 -2.79
CA CYS A 260 -34.66 -7.83 -2.24
C CYS A 260 -34.66 -6.44 -1.59
N ALA A 261 -35.83 -6.03 -1.13
CA ALA A 261 -35.97 -4.81 -0.34
C ALA A 261 -35.65 -5.11 1.11
N GLN A 262 -35.20 -4.08 1.84
CA GLN A 262 -34.69 -4.31 3.18
C GLN A 262 -35.22 -3.23 4.10
N LEU A 263 -35.65 -3.63 5.30
CA LEU A 263 -36.24 -2.74 6.28
C LEU A 263 -35.35 -2.68 7.52
N TRP A 264 -35.00 -1.47 7.95
CA TRP A 264 -34.08 -1.27 9.07
C TRP A 264 -34.58 -0.06 9.84
N LEU A 265 -34.70 -0.19 11.17
CA LEU A 265 -35.25 0.86 11.99
C LEU A 265 -34.54 0.90 13.34
N GLY A 266 -34.34 2.09 13.86
CA GLY A 266 -33.67 2.26 15.14
C GLY A 266 -33.12 3.66 15.30
N PRO A 267 -32.22 3.84 16.27
CA PRO A 267 -31.60 5.17 16.45
C PRO A 267 -30.89 5.67 15.20
N ALA A 268 -30.31 4.78 14.41
CA ALA A 268 -29.60 5.20 13.20
C ALA A 268 -30.54 5.54 12.06
N ALA A 269 -31.86 5.38 12.24
CA ALA A 269 -32.79 5.75 11.18
C ALA A 269 -32.81 7.25 10.95
N PHE A 270 -32.57 8.04 12.01
CA PHE A 270 -32.61 9.50 11.91
C PHE A 270 -31.19 10.01 11.60
N ILE A 271 -30.69 9.56 10.45
CA ILE A 271 -29.31 9.83 10.04
C ILE A 271 -29.32 10.86 8.92
N ASN A 272 -28.41 11.83 9.03
CA ASN A 272 -28.29 12.87 8.02
C ASN A 272 -27.75 12.29 6.72
N HIS A 273 -28.13 12.93 5.61
CA HIS A 273 -27.66 12.58 4.28
C HIS A 273 -27.03 13.79 3.63
N ASP A 274 -25.91 13.58 2.93
CA ASP A 274 -25.28 14.63 2.15
C ASP A 274 -24.24 13.98 1.23
N CYS A 275 -24.10 14.53 0.03
CA CYS A 275 -23.30 13.91 -1.02
C CYS A 275 -21.83 13.79 -0.66
N ARG A 276 -21.14 14.94 -0.53
CA ARG A 276 -19.70 14.91 -0.28
C ARG A 276 -19.34 14.27 1.06
N PRO A 277 -19.96 14.63 2.19
CA PRO A 277 -19.56 13.99 3.46
C PRO A 277 -20.29 12.68 3.70
N ASN A 278 -19.60 11.71 4.31
CA ASN A 278 -20.23 10.42 4.56
C ASN A 278 -19.48 9.67 5.65
N CYS A 279 -20.14 8.64 6.18
CA CYS A 279 -19.53 7.64 7.05
C CYS A 279 -19.85 6.26 6.48
N LYS A 280 -18.84 5.41 6.39
CA LYS A 280 -19.01 4.14 5.69
C LYS A 280 -19.98 3.23 6.43
N PHE A 281 -20.94 2.68 5.70
CA PHE A 281 -21.81 1.63 6.20
C PHE A 281 -21.24 0.28 5.83
N VAL A 282 -21.17 -0.64 6.78
CA VAL A 282 -20.69 -1.99 6.54
C VAL A 282 -21.70 -2.98 7.09
N SER A 283 -21.87 -4.07 6.37
CA SER A 283 -22.75 -5.15 6.77
C SER A 283 -21.92 -6.31 7.31
N THR A 284 -22.21 -6.73 8.53
CA THR A 284 -21.48 -7.80 9.19
C THR A 284 -22.32 -9.07 9.13
N GLY A 285 -21.79 -10.10 8.51
CA GLY A 285 -22.57 -11.32 8.37
C GLY A 285 -23.80 -11.11 7.51
N ARG A 286 -24.89 -11.71 7.97
CA ARG A 286 -26.18 -11.63 7.28
C ARG A 286 -27.22 -11.02 8.19
N ASP A 287 -28.03 -10.12 7.63
CA ASP A 287 -29.14 -9.46 8.32
C ASP A 287 -28.68 -8.55 9.46
N THR A 288 -27.42 -8.14 9.46
CA THR A 288 -26.91 -7.19 10.45
C THR A 288 -26.03 -6.17 9.75
N ALA A 289 -25.87 -5.02 10.38
CA ALA A 289 -25.07 -3.94 9.81
C ALA A 289 -24.53 -3.06 10.92
N CYS A 290 -23.49 -2.30 10.60
CA CYS A 290 -22.89 -1.37 11.54
C CYS A 290 -22.51 -0.10 10.81
N VAL A 291 -22.07 0.90 11.57
CA VAL A 291 -21.60 2.17 11.03
C VAL A 291 -20.16 2.38 11.50
N LYS A 292 -19.30 2.82 10.59
CA LYS A 292 -17.88 2.98 10.88
C LYS A 292 -17.35 4.25 10.22
N ALA A 293 -16.22 4.72 10.74
CA ALA A 293 -15.39 5.75 10.12
C ALA A 293 -16.03 7.13 10.14
N LEU A 294 -15.30 8.11 9.60
CA LEU A 294 -15.68 9.51 9.67
C LEU A 294 -14.71 10.31 8.82
N ARG A 295 -15.08 11.54 8.51
CA ARG A 295 -14.22 12.48 7.80
C ARG A 295 -14.00 13.71 8.67
N ASP A 296 -13.40 14.73 8.06
CA ASP A 296 -13.09 15.96 8.77
C ASP A 296 -14.36 16.63 9.29
N ILE A 297 -14.54 16.57 10.61
CA ILE A 297 -15.63 17.27 11.28
C ILE A 297 -15.07 17.91 12.54
N GLU A 298 -15.90 18.67 13.23
CA GLU A 298 -15.53 19.24 14.51
C GLU A 298 -16.07 18.38 15.64
N PRO A 299 -15.50 18.47 16.84
CA PRO A 299 -16.02 17.67 17.95
C PRO A 299 -17.48 18.00 18.25
N GLY A 300 -18.24 16.96 18.56
CA GLY A 300 -19.66 17.11 18.83
C GLY A 300 -20.46 17.63 17.65
N GLU A 301 -20.24 17.06 16.46
CA GLU A 301 -20.89 17.52 15.25
C GLU A 301 -21.79 16.43 14.68
N GLU A 302 -22.36 16.72 13.53
CA GLU A 302 -23.35 15.84 12.92
C GLU A 302 -22.67 14.74 12.11
N ILE A 303 -23.28 13.56 12.12
CA ILE A 303 -22.82 12.40 11.37
C ILE A 303 -23.46 12.45 9.98
N SER A 304 -22.64 12.28 8.95
CA SER A 304 -23.11 12.37 7.57
C SER A 304 -22.91 11.03 6.86
N CYS A 305 -23.70 10.81 5.81
CA CYS A 305 -23.63 9.60 5.03
C CYS A 305 -24.02 9.91 3.59
N TYR A 306 -23.60 9.03 2.68
CA TYR A 306 -23.93 9.14 1.26
C TYR A 306 -24.75 7.92 0.86
N TYR A 307 -25.95 8.17 0.32
CA TYR A 307 -26.82 7.06 -0.05
C TYR A 307 -26.39 6.43 -1.37
N GLY A 308 -25.52 7.11 -2.11
CA GLY A 308 -25.05 6.57 -3.38
C GLY A 308 -25.83 7.06 -4.59
N ASP A 309 -26.79 6.27 -5.04
CA ASP A 309 -27.55 6.62 -6.23
C ASP A 309 -28.36 7.89 -6.01
N GLY A 310 -28.55 8.66 -7.08
CA GLY A 310 -29.26 9.91 -6.97
C GLY A 310 -30.73 9.71 -6.70
N PHE A 311 -31.39 10.81 -6.32
CA PHE A 311 -32.81 10.72 -5.96
C PHE A 311 -33.68 10.45 -7.18
N PHE A 312 -33.46 11.18 -8.27
CA PHE A 312 -34.25 11.05 -9.49
C PHE A 312 -33.44 10.53 -10.67
N GLY A 313 -32.45 9.68 -10.41
CA GLY A 313 -31.59 9.19 -11.47
C GLY A 313 -30.49 10.14 -11.88
N GLU A 314 -30.36 11.28 -11.21
CA GLU A 314 -29.32 12.24 -11.51
C GLU A 314 -28.74 12.78 -10.22
N ASN A 315 -27.55 13.37 -10.32
CA ASN A 315 -26.83 13.82 -9.13
C ASN A 315 -27.60 14.90 -8.39
N ASN A 316 -28.19 15.85 -9.11
CA ASN A 316 -28.81 17.01 -8.49
C ASN A 316 -30.15 17.37 -9.14
N GLU A 317 -30.94 16.39 -9.57
CA GLU A 317 -32.30 16.68 -9.98
C GLU A 317 -33.18 17.01 -8.78
N PHE A 318 -33.09 16.19 -7.73
CA PHE A 318 -33.87 16.38 -6.52
C PHE A 318 -32.99 16.47 -5.27
N CYS A 319 -31.68 16.63 -5.44
CA CYS A 319 -30.76 16.66 -4.31
C CYS A 319 -30.62 18.09 -3.80
N GLU A 320 -31.43 18.47 -2.81
CA GLU A 320 -31.17 19.70 -2.06
C GLU A 320 -30.32 19.40 -0.83
N CYS A 321 -29.19 18.76 -1.09
CA CYS A 321 -28.27 18.31 -0.07
C CYS A 321 -27.49 19.50 0.51
N TYR A 322 -26.81 19.25 1.63
CA TYR A 322 -26.18 20.33 2.38
C TYR A 322 -25.00 20.92 1.61
N THR A 323 -24.00 20.10 1.29
CA THR A 323 -22.77 20.63 0.70
C THR A 323 -23.01 21.12 -0.72
N CYS A 324 -23.90 20.47 -1.46
CA CYS A 324 -24.20 20.92 -2.82
C CYS A 324 -24.92 22.26 -2.81
N GLU A 325 -25.77 22.49 -1.80
CA GLU A 325 -26.31 23.82 -1.58
C GLU A 325 -25.21 24.81 -1.20
N ARG A 326 -24.25 24.37 -0.39
CA ARG A 326 -23.19 25.26 0.06
C ARG A 326 -22.33 25.74 -1.11
N ARG A 327 -22.02 24.84 -2.06
CA ARG A 327 -21.31 25.27 -3.26
C ARG A 327 -22.23 25.92 -4.28
N GLY A 328 -23.54 25.91 -4.05
CA GLY A 328 -24.49 26.63 -4.87
C GLY A 328 -25.17 25.81 -5.94
N THR A 329 -24.61 24.67 -6.34
CA THR A 329 -25.26 23.86 -7.36
C THR A 329 -26.46 23.11 -6.78
N GLY A 330 -26.49 22.91 -5.47
CA GLY A 330 -27.60 22.18 -4.86
C GLY A 330 -28.92 22.89 -5.04
N ALA A 331 -28.93 24.22 -4.97
CA ALA A 331 -30.14 24.97 -5.23
C ALA A 331 -30.48 24.93 -6.71
N PHE A 332 -31.70 25.38 -7.04
CA PHE A 332 -32.09 25.47 -8.43
C PHE A 332 -31.17 26.40 -9.21
N LYS A 333 -30.68 27.45 -8.55
CA LYS A 333 -29.80 28.43 -9.16
C LYS A 333 -28.37 28.21 -8.67
N SER A 334 -27.43 28.13 -9.60
CA SER A 334 -26.02 27.97 -9.26
C SER A 334 -25.28 29.30 -9.34
N PRO A 341 -14.28 26.61 -1.49
CA PRO A 341 -14.46 26.62 -0.04
C PRO A 341 -13.19 27.05 0.71
N ALA A 342 -12.09 27.23 -0.02
CA ALA A 342 -10.83 27.62 0.58
C ALA A 342 -10.55 29.08 0.31
N PRO A 343 -10.66 29.96 1.31
CA PRO A 343 -10.33 31.38 1.08
C PRO A 343 -8.82 31.59 1.11
N VAL A 344 -8.25 31.90 -0.05
CA VAL A 344 -6.82 32.13 -0.16
C VAL A 344 -6.55 33.30 -1.09
N ILE A 345 -5.65 34.20 -0.67
CA ILE A 345 -5.40 35.42 -1.45
C ILE A 345 -4.69 35.10 -2.76
N ASN A 346 -3.68 34.24 -2.70
CA ASN A 346 -2.92 33.85 -3.89
C ASN A 346 -3.52 32.59 -4.53
N SER A 347 -4.79 32.72 -4.89
CA SER A 347 -5.59 31.58 -5.33
C SER A 347 -5.18 31.12 -6.72
N LYS A 348 -3.96 30.60 -6.84
CA LYS A 348 -3.48 29.99 -8.07
C LYS A 348 -3.33 28.48 -7.97
N TYR A 349 -3.46 27.91 -6.77
CA TYR A 349 -3.27 26.48 -6.56
C TYR A 349 -4.37 25.95 -5.66
N GLY A 350 -4.63 24.65 -5.78
CA GLY A 350 -5.55 23.98 -4.87
C GLY A 350 -4.86 23.63 -3.57
N LEU A 351 -5.59 23.76 -2.45
CA LEU A 351 -5.02 23.52 -1.13
C LEU A 351 -5.50 22.22 -0.51
N ARG A 352 -6.18 21.37 -1.28
CA ARG A 352 -6.52 20.00 -0.93
C ARG A 352 -7.59 19.91 0.16
N GLU A 353 -7.97 21.04 0.75
CA GLU A 353 -9.05 21.09 1.74
C GLU A 353 -8.84 20.09 2.86
N THR A 354 -7.62 20.09 3.43
CA THR A 354 -7.30 19.12 4.47
C THR A 354 -7.71 19.66 5.84
N ASP A 355 -7.50 18.84 6.87
CA ASP A 355 -8.01 19.14 8.20
C ASP A 355 -7.41 20.40 8.80
N LYS A 356 -6.11 20.60 8.64
CA LYS A 356 -5.46 21.74 9.29
C LYS A 356 -5.90 23.06 8.67
N ARG A 357 -6.09 23.09 7.35
CA ARG A 357 -6.52 24.33 6.70
C ARG A 357 -7.88 24.78 7.18
N LEU A 358 -8.82 23.83 7.36
CA LEU A 358 -10.11 24.19 7.93
C LEU A 358 -10.00 24.49 9.41
N ASN A 359 -9.07 23.86 10.12
CA ASN A 359 -8.87 24.15 11.53
C ASN A 359 -8.45 25.61 11.73
N ARG A 360 -7.28 25.96 11.24
CA ARG A 360 -6.79 27.35 11.33
C ARG A 360 -7.02 28.08 10.01
N LEU A 361 -8.30 28.29 9.69
CA LEU A 361 -8.68 28.95 8.45
C LEU A 361 -8.49 30.46 8.55
N TYR B 42 15.83 10.34 41.31
CA TYR B 42 16.34 9.10 41.91
C TYR B 42 15.55 7.88 41.46
N ARG B 43 14.27 8.05 41.19
CA ARG B 43 13.44 6.94 40.73
C ARG B 43 13.92 6.49 39.36
N PRO B 44 14.28 5.22 39.18
CA PRO B 44 14.65 4.75 37.84
C PRO B 44 13.50 4.92 36.86
N GLY B 45 13.80 5.49 35.70
CA GLY B 45 12.78 5.72 34.69
C GLY B 45 12.59 7.19 34.34
N THR B 46 12.60 8.07 35.34
CA THR B 46 12.40 9.49 35.06
C THR B 46 13.53 10.05 34.21
N VAL B 47 14.77 9.67 34.53
CA VAL B 47 15.90 10.09 33.71
C VAL B 47 15.76 9.53 32.30
N ALA B 48 15.22 8.31 32.18
CA ALA B 48 15.00 7.73 30.86
C ALA B 48 14.01 8.55 30.04
N LEU B 49 12.89 8.97 30.65
CA LEU B 49 11.93 9.80 29.92
C LEU B 49 12.51 11.15 29.55
N ARG B 50 13.23 11.79 30.47
CA ARG B 50 13.83 13.08 30.16
C ARG B 50 14.83 12.95 29.01
N GLU B 51 15.64 11.90 29.03
CA GLU B 51 16.62 11.71 27.96
C GLU B 51 15.94 11.38 26.64
N ILE B 52 14.84 10.61 26.70
CA ILE B 52 14.08 10.31 25.49
C ILE B 52 13.59 11.59 24.85
N ARG B 53 12.97 12.47 25.64
CA ARG B 53 12.46 13.72 25.08
C ARG B 53 13.60 14.58 24.57
N ARG B 54 14.71 14.65 25.31
CA ARG B 54 15.84 15.48 24.88
C ARG B 54 16.36 15.03 23.52
N TYR B 55 16.53 13.72 23.32
CA TYR B 55 17.09 13.26 22.05
C TYR B 55 16.07 13.30 20.92
N GLN B 56 14.78 13.09 21.21
CA GLN B 56 13.79 13.19 20.15
C GLN B 56 13.66 14.62 19.65
N LYS B 57 13.79 15.60 20.56
CA LYS B 57 13.63 17.00 20.14
C LYS B 57 14.72 17.43 19.17
N SER B 58 15.96 17.01 19.39
CA SER B 58 17.10 17.51 18.62
C SER B 58 17.36 16.64 17.39
N THR B 59 18.17 17.18 16.47
CA THR B 59 18.53 16.51 15.23
C THR B 59 20.03 16.68 14.99
N GLU B 60 20.80 15.62 15.27
CA GLU B 60 22.24 15.66 15.11
C GLU B 60 22.75 14.23 14.98
N LEU B 61 24.05 14.10 14.72
CA LEU B 61 24.66 12.78 14.60
C LEU B 61 25.00 12.25 15.99
N LEU B 62 24.60 11.01 16.27
CA LEU B 62 24.75 10.41 17.58
C LEU B 62 25.89 9.40 17.67
N ILE B 63 26.77 9.35 16.66
CA ILE B 63 27.91 8.45 16.65
C ILE B 63 29.16 9.26 16.33
N ARG B 64 30.26 8.96 17.04
CA ARG B 64 31.51 9.67 16.81
C ARG B 64 32.02 9.40 15.39
N LYS B 65 32.72 10.39 14.83
CA LYS B 65 33.04 10.35 13.41
C LYS B 65 34.27 9.49 13.12
N LEU B 66 35.35 9.68 13.87
CA LEU B 66 36.60 8.97 13.58
C LEU B 66 36.46 7.45 13.68
N PRO B 67 35.86 6.88 14.72
CA PRO B 67 35.68 5.42 14.72
C PRO B 67 34.89 4.92 13.53
N PHE B 68 33.87 5.66 13.12
CA PHE B 68 33.08 5.26 11.95
C PHE B 68 33.92 5.30 10.68
N GLN B 69 34.75 6.33 10.52
CA GLN B 69 35.62 6.40 9.36
C GLN B 69 36.59 5.24 9.33
N ARG B 70 37.18 4.91 10.49
CA ARG B 70 38.09 3.78 10.55
C ARG B 70 37.38 2.47 10.21
N LEU B 71 36.16 2.30 10.70
CA LEU B 71 35.41 1.09 10.40
C LEU B 71 35.10 0.98 8.92
N VAL B 72 34.71 2.10 8.29
CA VAL B 72 34.43 2.08 6.86
C VAL B 72 35.69 1.70 6.08
N ARG B 73 36.84 2.27 6.47
CA ARG B 73 38.08 1.92 5.79
C ARG B 73 38.42 0.45 5.98
N GLU B 74 38.20 -0.08 7.19
CA GLU B 74 38.47 -1.50 7.43
C GLU B 74 37.60 -2.38 6.53
N ILE B 75 36.31 -2.07 6.45
CA ILE B 75 35.42 -2.91 5.65
C ILE B 75 35.76 -2.81 4.17
N ALA B 76 36.10 -1.61 3.70
CA ALA B 76 36.47 -1.45 2.30
C ALA B 76 37.88 -1.93 1.99
N GLN B 77 38.66 -2.29 3.01
CA GLN B 77 39.99 -2.86 2.76
C GLN B 77 39.93 -4.07 1.84
N ASP B 78 38.87 -4.87 1.97
CA ASP B 78 38.66 -5.99 1.08
C ASP B 78 38.06 -5.48 -0.23
N PHE B 79 37.53 -6.38 -1.06
CA PHE B 79 37.06 -6.03 -2.39
C PHE B 79 38.20 -5.40 -3.19
N LYS B 80 38.29 -4.08 -3.20
CA LYS B 80 39.41 -3.40 -3.83
C LYS B 80 40.58 -3.29 -2.86
N THR B 81 41.79 -3.51 -3.37
CA THR B 81 42.95 -3.62 -2.49
C THR B 81 43.38 -2.27 -1.93
N ASP B 82 43.09 -1.18 -2.63
CA ASP B 82 43.46 0.15 -2.16
C ASP B 82 42.48 1.15 -2.76
N LEU B 83 42.04 2.10 -1.95
CA LEU B 83 40.92 2.92 -2.36
C LEU B 83 40.95 4.23 -1.59
N ARG B 84 40.47 5.29 -2.22
CA ARG B 84 40.39 6.62 -1.63
C ARG B 84 38.93 7.00 -1.43
N PHE B 85 38.66 7.76 -0.36
CA PHE B 85 37.31 8.16 0.00
C PHE B 85 37.20 9.67 0.03
N GLN B 86 36.07 10.18 -0.44
CA GLN B 86 35.73 11.58 -0.26
C GLN B 86 35.05 11.77 1.09
N SER B 87 35.21 12.97 1.66
CA SER B 87 34.62 13.25 2.96
C SER B 87 33.10 13.18 2.90
N SER B 88 32.50 13.73 1.84
CA SER B 88 31.06 13.67 1.69
C SER B 88 30.56 12.24 1.57
N ALA B 89 31.38 11.35 1.01
CA ALA B 89 30.99 9.94 0.92
C ALA B 89 30.86 9.32 2.32
N VAL B 90 31.83 9.61 3.20
CA VAL B 90 31.76 9.08 4.55
C VAL B 90 30.59 9.69 5.30
N MET B 91 30.34 10.99 5.10
CA MET B 91 29.20 11.63 5.74
C MET B 91 27.90 10.99 5.29
N ALA B 92 27.75 10.73 4.00
CA ALA B 92 26.53 10.10 3.49
C ALA B 92 26.38 8.69 4.04
N LEU B 93 27.46 7.91 4.06
CA LEU B 93 27.39 6.56 4.59
C LEU B 93 26.97 6.56 6.05
N GLN B 94 27.55 7.45 6.86
CA GLN B 94 27.16 7.53 8.26
C GLN B 94 25.71 7.95 8.41
N GLU B 95 25.28 8.94 7.64
CA GLU B 95 23.95 9.48 7.87
C GLU B 95 22.85 8.60 7.32
N ALA B 96 23.18 7.67 6.42
CA ALA B 96 22.19 6.69 5.97
C ALA B 96 22.10 5.49 6.91
N CYS B 97 23.13 5.23 7.70
CA CYS B 97 23.10 4.09 8.62
C CYS B 97 22.21 4.35 9.83
N GLU B 98 22.26 5.57 10.38
CA GLU B 98 21.50 5.85 11.59
C GLU B 98 19.99 5.87 11.31
N ALA B 99 19.59 6.25 10.10
CA ALA B 99 18.17 6.20 9.76
C ALA B 99 17.66 4.76 9.73
N TYR B 100 18.56 3.79 9.55
CA TYR B 100 18.15 2.39 9.53
C TYR B 100 17.95 1.85 10.94
N LEU B 101 18.92 2.10 11.83
CA LEU B 101 18.85 1.55 13.18
C LEU B 101 17.67 2.14 13.96
N VAL B 102 17.35 3.42 13.73
CA VAL B 102 16.23 4.03 14.44
C VAL B 102 14.92 3.35 14.07
N GLY B 103 14.70 3.10 12.77
CA GLY B 103 13.51 2.39 12.36
C GLY B 103 13.49 0.97 12.89
N LEU B 104 14.63 0.29 12.88
CA LEU B 104 14.70 -1.05 13.44
C LEU B 104 14.34 -1.06 14.91
N PHE B 105 14.80 -0.05 15.66
CA PHE B 105 14.51 0.00 17.08
C PHE B 105 13.05 0.34 17.34
N GLU B 106 12.45 1.19 16.52
CA GLU B 106 11.01 1.42 16.63
C GLU B 106 10.24 0.13 16.45
N ASP B 107 10.56 -0.63 15.39
CA ASP B 107 9.85 -1.87 15.13
C ASP B 107 10.05 -2.87 16.25
N THR B 108 11.28 -3.00 16.77
CA THR B 108 11.50 -3.94 17.85
C THR B 108 10.84 -3.48 19.14
N ASN B 109 10.65 -2.18 19.33
CA ASN B 109 9.90 -1.72 20.51
C ASN B 109 8.44 -2.10 20.41
N LEU B 110 7.84 -1.94 19.22
CA LEU B 110 6.47 -2.44 19.04
C LEU B 110 6.40 -3.95 19.27
N CYS B 111 7.41 -4.69 18.85
CA CYS B 111 7.42 -6.13 19.14
C CYS B 111 7.49 -6.39 20.64
N ALA B 112 8.33 -5.65 21.36
CA ALA B 112 8.53 -5.92 22.77
C ALA B 112 7.30 -5.54 23.59
N ILE B 113 6.57 -4.50 23.18
CA ILE B 113 5.33 -4.15 23.85
C ILE B 113 4.33 -5.31 23.74
N HIS B 114 4.25 -5.92 22.57
CA HIS B 114 3.56 -7.19 22.42
C HIS B 114 4.22 -8.21 23.34
N ALA B 115 3.41 -9.10 23.90
CA ALA B 115 3.83 -10.11 24.89
C ALA B 115 4.11 -9.49 26.26
N LYS B 116 3.63 -8.28 26.51
CA LYS B 116 3.56 -7.67 27.85
C LYS B 116 4.95 -7.59 28.50
N ARG B 117 5.82 -6.80 27.89
CA ARG B 117 7.10 -6.49 28.50
C ARG B 117 7.45 -5.03 28.22
N VAL B 118 8.39 -4.53 29.02
CA VAL B 118 8.97 -3.22 28.79
C VAL B 118 10.43 -3.31 28.35
N THR B 119 11.15 -4.34 28.76
CA THR B 119 12.53 -4.54 28.36
C THR B 119 12.58 -5.30 27.04
N ILE B 120 13.50 -4.89 26.16
CA ILE B 120 13.64 -5.52 24.86
C ILE B 120 14.74 -6.57 24.94
N MET B 121 14.66 -7.57 24.07
CA MET B 121 15.59 -8.69 24.04
C MET B 121 15.93 -9.02 22.59
N PRO B 122 17.04 -9.74 22.36
CA PRO B 122 17.44 -10.03 20.97
C PRO B 122 16.39 -10.77 20.15
N LYS B 123 15.56 -11.60 20.79
CA LYS B 123 14.57 -12.34 20.03
C LYS B 123 13.60 -11.39 19.32
N ASP B 124 13.33 -10.23 19.91
CA ASP B 124 12.48 -9.25 19.25
C ASP B 124 13.15 -8.70 17.99
N ILE B 125 14.46 -8.41 18.08
CA ILE B 125 15.19 -7.97 16.90
C ILE B 125 15.09 -9.02 15.79
N GLN B 126 15.28 -10.29 16.15
CA GLN B 126 15.22 -11.34 15.15
C GLN B 126 13.83 -11.45 14.54
N LEU B 127 12.79 -11.35 15.36
CA LEU B 127 11.43 -11.41 14.83
C LEU B 127 11.15 -10.28 13.87
N ALA B 128 11.55 -9.06 14.23
CA ALA B 128 11.30 -7.92 13.35
C ALA B 128 12.05 -8.06 12.04
N ARG B 129 13.33 -8.46 12.10
CA ARG B 129 14.09 -8.63 10.87
C ARG B 129 13.55 -9.77 10.02
N ARG B 130 12.93 -10.78 10.64
CA ARG B 130 12.34 -11.85 9.87
C ARG B 130 11.06 -11.39 9.17
N ILE B 131 10.21 -10.65 9.89
CA ILE B 131 8.94 -10.22 9.28
C ILE B 131 9.20 -9.21 8.17
N ARG B 132 10.14 -8.30 8.37
CA ARG B 132 10.44 -7.32 7.32
C ARG B 132 11.07 -7.95 6.09
N GLY B 133 11.23 -9.26 6.06
CA GLY B 133 11.76 -9.94 4.88
C GLY B 133 13.24 -9.68 4.61
N GLU B 134 14.06 -9.65 5.66
CA GLU B 134 15.50 -9.48 5.51
C GLU B 134 16.21 -10.67 6.13
N ARG B 135 17.30 -11.11 5.48
CA ARG B 135 18.11 -12.20 5.99
C ARG B 135 19.58 -11.89 5.73
N ALA B 136 20.40 -12.13 6.74
CA ALA B 136 21.83 -11.88 6.65
C ALA B 136 22.50 -12.80 5.64
N ARG C 3 47.02 -3.15 5.47
CA ARG C 3 47.61 -2.05 6.22
C ARG C 3 47.76 -2.41 7.70
N MET C 4 46.67 -2.27 8.45
CA MET C 4 46.72 -2.52 9.89
C MET C 4 46.92 -4.01 10.15
N VAL C 5 47.79 -4.31 11.13
CA VAL C 5 47.99 -5.69 11.54
C VAL C 5 46.79 -6.19 12.34
N LEU C 6 46.19 -5.31 13.14
CA LEU C 6 44.98 -5.64 13.90
C LEU C 6 43.86 -4.72 13.45
N ARG C 7 42.70 -5.30 13.15
CA ARG C 7 41.53 -4.55 12.71
C ARG C 7 40.33 -4.97 13.56
N ASP C 8 40.19 -4.32 14.71
CA ASP C 8 39.04 -4.51 15.58
C ASP C 8 38.39 -3.16 15.87
N ASN C 9 37.54 -2.72 14.93
CA ASN C 9 36.86 -1.43 15.05
C ASN C 9 35.38 -1.56 15.29
N ILE C 10 34.82 -2.77 15.22
CA ILE C 10 33.44 -2.97 15.66
C ILE C 10 33.32 -2.64 17.14
N GLN C 11 34.39 -2.82 17.90
CA GLN C 11 34.43 -2.30 19.27
C GLN C 11 34.40 -0.78 19.31
N GLY C 12 34.62 -0.12 18.18
CA GLY C 12 34.53 1.33 18.14
C GLY C 12 33.13 1.84 18.45
N ILE C 13 32.11 1.17 17.91
CA ILE C 13 30.75 1.50 18.27
C ILE C 13 30.56 1.17 19.75
N THR C 14 30.36 2.20 20.56
CA THR C 14 30.37 2.04 22.01
C THR C 14 28.96 1.82 22.54
N LYS C 15 28.89 1.35 23.78
CA LYS C 15 27.60 1.15 24.44
C LYS C 15 26.79 2.44 24.56
N PRO C 16 27.34 3.58 24.96
CA PRO C 16 26.52 4.80 25.00
C PRO C 16 25.93 5.21 23.66
N ALA C 17 26.63 4.95 22.55
CA ALA C 17 26.07 5.30 21.25
C ALA C 17 24.82 4.48 20.93
N ILE C 18 24.88 3.18 21.19
CA ILE C 18 23.69 2.35 21.00
C ILE C 18 22.59 2.78 21.95
N ARG C 19 22.96 3.17 23.17
CA ARG C 19 21.95 3.68 24.11
C ARG C 19 21.26 4.91 23.56
N ARG C 20 22.03 5.85 22.99
CA ARG C 20 21.44 7.07 22.44
C ARG C 20 20.53 6.76 21.25
N LEU C 21 20.97 5.86 20.37
CA LEU C 21 20.13 5.50 19.23
C LEU C 21 18.83 4.85 19.69
N ALA C 22 18.91 3.98 20.70
CA ALA C 22 17.70 3.38 21.24
C ALA C 22 16.80 4.42 21.90
N ARG C 23 17.40 5.41 22.57
CA ARG C 23 16.61 6.48 23.17
C ARG C 23 15.84 7.25 22.10
N ARG C 24 16.49 7.57 21.00
CA ARG C 24 15.78 8.21 19.89
C ARG C 24 14.73 7.27 19.31
N GLY C 25 14.97 5.95 19.38
CA GLY C 25 13.96 5.01 18.93
C GLY C 25 12.69 5.07 19.76
N GLY C 26 12.83 5.22 21.07
CA GLY C 26 11.66 5.29 21.93
C GLY C 26 11.52 4.16 22.93
N VAL C 27 12.63 3.64 23.41
CA VAL C 27 12.62 2.52 24.36
C VAL C 27 13.13 3.01 25.71
N LYS C 28 12.81 2.24 26.76
CA LYS C 28 13.18 2.57 28.13
C LYS C 28 14.25 1.67 28.71
N ARG C 29 14.05 0.36 28.66
CA ARG C 29 15.00 -0.59 29.24
C ARG C 29 15.65 -1.41 28.13
N ILE C 30 16.94 -1.68 28.30
CA ILE C 30 17.73 -2.37 27.29
C ILE C 30 18.47 -3.53 27.96
N SER C 31 18.47 -4.68 27.31
CA SER C 31 19.11 -5.88 27.83
C SER C 31 20.62 -5.81 27.60
N GLY C 32 21.31 -6.93 27.79
CA GLY C 32 22.75 -6.95 27.68
C GLY C 32 23.31 -7.37 26.34
N LEU C 33 22.54 -8.14 25.56
CA LEU C 33 23.01 -8.66 24.27
C LEU C 33 22.63 -7.78 23.09
N ILE C 34 21.91 -6.68 23.36
CA ILE C 34 21.48 -5.79 22.28
C ILE C 34 22.68 -5.25 21.54
N TYR C 35 23.75 -4.91 22.27
CA TYR C 35 24.95 -4.37 21.64
C TYR C 35 25.60 -5.40 20.73
N GLU C 36 25.80 -6.61 21.24
CA GLU C 36 26.46 -7.66 20.46
C GLU C 36 25.64 -8.10 19.26
N GLU C 37 24.34 -7.83 19.24
CA GLU C 37 23.60 -8.12 18.01
C GLU C 37 23.56 -6.93 17.06
N THR C 38 23.40 -5.72 17.59
CA THR C 38 23.34 -4.54 16.75
C THR C 38 24.64 -4.32 16.00
N ARG C 39 25.77 -4.67 16.63
CA ARG C 39 27.04 -4.58 15.91
C ARG C 39 27.04 -5.45 14.66
N GLY C 40 26.56 -6.70 14.79
CA GLY C 40 26.51 -7.58 13.64
C GLY C 40 25.58 -7.09 12.55
N VAL C 41 24.39 -6.61 12.93
CA VAL C 41 23.46 -6.17 11.89
C VAL C 41 23.98 -4.92 11.18
N LEU C 42 24.60 -4.00 11.92
CA LEU C 42 25.20 -2.84 11.29
C LEU C 42 26.31 -3.26 10.33
N LYS C 43 27.13 -4.23 10.73
CA LYS C 43 28.18 -4.71 9.84
C LYS C 43 27.60 -5.28 8.55
N VAL C 44 26.51 -6.05 8.66
CA VAL C 44 25.90 -6.64 7.47
C VAL C 44 25.42 -5.56 6.51
N PHE C 45 24.66 -4.60 7.04
CA PHE C 45 24.11 -3.54 6.18
C PHE C 45 25.24 -2.75 5.50
N LEU C 46 26.24 -2.37 6.29
CA LEU C 46 27.34 -1.57 5.75
C LEU C 46 28.10 -2.36 4.69
N GLU C 47 28.28 -3.65 4.90
CA GLU C 47 28.98 -4.48 3.94
C GLU C 47 28.26 -4.48 2.59
N ASN C 48 26.94 -4.66 2.61
CA ASN C 48 26.19 -4.65 1.36
C ASN C 48 26.35 -3.33 0.63
N VAL C 49 26.15 -2.22 1.35
CA VAL C 49 26.19 -0.92 0.69
C VAL C 49 27.56 -0.63 0.12
N ILE C 50 28.62 -0.91 0.89
CA ILE C 50 29.96 -0.62 0.42
C ILE C 50 30.34 -1.49 -0.77
N ARG C 51 29.86 -2.75 -0.80
CA ARG C 51 30.14 -3.59 -1.95
C ARG C 51 29.54 -2.99 -3.22
N ASP C 52 28.29 -2.53 -3.13
CA ASP C 52 27.67 -1.93 -4.32
C ASP C 52 28.42 -0.66 -4.75
N ALA C 53 28.79 0.19 -3.80
CA ALA C 53 29.50 1.42 -4.14
C ALA C 53 30.84 1.12 -4.80
N VAL C 54 31.57 0.13 -4.28
CA VAL C 54 32.85 -0.23 -4.87
C VAL C 54 32.67 -0.77 -6.28
N THR C 55 31.60 -1.55 -6.52
CA THR C 55 31.34 -2.02 -7.87
C THR C 55 31.12 -0.85 -8.83
N TYR C 56 30.33 0.13 -8.41
CA TYR C 56 30.09 1.30 -9.26
C TYR C 56 31.39 2.02 -9.58
N THR C 57 32.20 2.31 -8.54
CA THR C 57 33.42 3.06 -8.79
C THR C 57 34.46 2.26 -9.56
N GLU C 58 34.39 0.92 -9.50
CA GLU C 58 35.26 0.11 -10.33
C GLU C 58 34.85 0.21 -11.80
N HIS C 59 33.55 0.17 -12.07
CA HIS C 59 33.10 0.34 -13.44
C HIS C 59 33.42 1.72 -13.98
N ALA C 60 33.43 2.74 -13.11
CA ALA C 60 33.65 4.10 -13.58
C ALA C 60 35.08 4.37 -14.02
N LYS C 61 36.00 3.42 -13.81
CA LYS C 61 37.42 3.55 -14.13
C LYS C 61 38.12 4.61 -13.29
N ARG C 62 37.49 5.07 -12.22
CA ARG C 62 38.10 6.04 -11.32
C ARG C 62 38.95 5.31 -10.29
N LYS C 63 39.42 6.03 -9.28
CA LYS C 63 40.19 5.44 -8.20
C LYS C 63 39.69 5.80 -6.81
N THR C 64 38.87 6.84 -6.68
CA THR C 64 38.32 7.27 -5.40
C THR C 64 36.80 7.20 -5.43
N VAL C 65 36.21 6.89 -4.28
CA VAL C 65 34.76 6.81 -4.16
C VAL C 65 34.20 8.21 -3.99
N THR C 66 33.11 8.49 -4.69
CA THR C 66 32.43 9.77 -4.60
C THR C 66 31.05 9.59 -3.98
N ALA C 67 30.47 10.69 -3.51
CA ALA C 67 29.16 10.63 -2.89
C ALA C 67 28.09 10.15 -3.86
N MET C 68 28.27 10.42 -5.15
CA MET C 68 27.30 9.97 -6.13
C MET C 68 27.19 8.45 -6.17
N ASP C 69 28.33 7.76 -6.05
CA ASP C 69 28.29 6.31 -6.02
C ASP C 69 27.53 5.80 -4.81
N VAL C 70 27.74 6.42 -3.65
CA VAL C 70 27.06 5.98 -2.44
C VAL C 70 25.56 6.19 -2.56
N VAL C 71 25.14 7.37 -3.05
CA VAL C 71 23.71 7.60 -3.17
C VAL C 71 23.08 6.70 -4.23
N TYR C 72 23.82 6.40 -5.31
CA TYR C 72 23.30 5.48 -6.32
C TYR C 72 23.11 4.09 -5.74
N ALA C 73 24.08 3.61 -4.97
CA ALA C 73 23.95 2.29 -4.36
C ALA C 73 22.79 2.27 -3.37
N LEU C 74 22.62 3.34 -2.60
CA LEU C 74 21.49 3.43 -1.68
C LEU C 74 20.17 3.35 -2.46
N LYS C 75 20.06 4.12 -3.54
CA LYS C 75 18.81 4.12 -4.30
C LYS C 75 18.51 2.75 -4.89
N ARG C 76 19.54 2.08 -5.42
CA ARG C 76 19.32 0.74 -5.96
C ARG C 76 18.95 -0.25 -4.87
N GLN C 77 19.48 -0.08 -3.66
CA GLN C 77 19.18 -1.00 -2.57
C GLN C 77 17.72 -0.97 -2.17
N GLY C 78 16.97 0.05 -2.60
CA GLY C 78 15.59 0.20 -2.21
C GLY C 78 15.31 1.27 -1.18
N ARG C 79 16.29 2.08 -0.83
CA ARG C 79 16.12 3.15 0.16
C ARG C 79 16.93 4.36 -0.29
N THR C 80 16.23 5.41 -0.72
CA THR C 80 16.86 6.56 -1.33
C THR C 80 17.49 7.45 -0.27
N LEU C 81 17.95 8.63 -0.68
CA LEU C 81 18.59 9.58 0.23
C LEU C 81 18.58 10.95 -0.43
N TYR C 82 18.10 11.96 0.29
CA TYR C 82 17.92 13.30 -0.24
C TYR C 82 18.95 14.24 0.36
N GLY C 83 19.59 15.03 -0.49
CA GLY C 83 20.44 16.10 0.01
C GLY C 83 21.82 16.18 -0.62
N PHE C 84 22.40 15.02 -0.94
CA PHE C 84 23.79 14.98 -1.42
C PHE C 84 23.85 15.03 -2.95
N GLY C 85 23.22 16.07 -3.50
CA GLY C 85 23.23 16.27 -4.95
C GLY C 85 22.53 15.17 -5.72
N GLY C 86 21.40 14.69 -5.22
CA GLY C 86 20.67 13.61 -5.86
C GLY C 86 20.11 13.97 -7.22
N LYS D 1 28.70 -23.76 -46.91
CA LYS D 1 29.25 -22.91 -47.98
C LYS D 1 28.68 -21.49 -47.88
N THR D 2 29.35 -20.57 -48.59
CA THR D 2 29.05 -19.13 -48.61
C THR D 2 28.72 -18.58 -47.23
N LYS D 3 29.38 -19.11 -46.20
CA LYS D 3 29.20 -18.67 -44.81
C LYS D 3 27.73 -18.77 -44.39
N ALA D 4 27.23 -20.01 -44.39
CA ALA D 4 25.87 -20.27 -43.95
C ALA D 4 25.74 -20.40 -42.44
N VAL D 5 26.86 -20.42 -41.72
CA VAL D 5 26.81 -20.59 -40.27
C VAL D 5 26.34 -19.29 -39.62
N SER D 6 25.38 -19.39 -38.72
CA SER D 6 24.82 -18.24 -38.05
C SER D 6 25.56 -17.97 -36.73
N ARG D 7 25.29 -16.79 -36.17
CA ARG D 7 25.99 -16.38 -34.95
C ARG D 7 25.54 -17.16 -33.73
N SER D 8 24.36 -17.78 -33.77
CA SER D 8 23.88 -18.52 -32.61
C SER D 8 24.78 -19.70 -32.29
N GLN D 9 25.23 -20.42 -33.32
CA GLN D 9 26.16 -21.53 -33.14
C GLN D 9 27.61 -21.12 -33.36
N ARG D 10 27.86 -19.87 -33.76
CA ARG D 10 29.24 -19.40 -33.87
C ARG D 10 29.92 -19.34 -32.51
N ALA D 11 29.14 -19.16 -31.44
CA ALA D 11 29.67 -19.15 -30.09
C ALA D 11 29.32 -20.40 -29.31
N GLY D 12 28.70 -21.38 -29.94
CA GLY D 12 28.32 -22.60 -29.26
C GLY D 12 27.26 -22.42 -28.21
N LEU D 13 26.22 -21.65 -28.50
CA LEU D 13 25.09 -21.43 -27.61
C LEU D 13 23.83 -22.03 -28.23
N GLN D 14 22.70 -21.84 -27.55
CA GLN D 14 21.42 -22.30 -28.04
C GLN D 14 20.43 -21.18 -28.33
N PHE D 15 20.51 -20.06 -27.60
CA PHE D 15 19.61 -18.95 -27.79
C PHE D 15 20.00 -18.14 -29.03
N PRO D 16 19.05 -17.42 -29.63
CA PRO D 16 19.34 -16.71 -30.89
C PRO D 16 20.01 -15.37 -30.62
N VAL D 17 21.21 -15.19 -31.19
CA VAL D 17 21.93 -13.94 -30.99
C VAL D 17 21.26 -12.80 -31.75
N GLY D 18 20.78 -13.07 -32.96
CA GLY D 18 20.19 -12.00 -33.76
C GLY D 18 18.94 -11.42 -33.15
N ARG D 19 18.05 -12.27 -32.65
CA ARG D 19 16.83 -11.78 -32.01
C ARG D 19 17.16 -10.95 -30.78
N ILE D 20 18.13 -11.39 -29.98
CA ILE D 20 18.56 -10.63 -28.81
C ILE D 20 19.11 -9.28 -29.23
N HIS D 21 19.89 -9.26 -30.32
CA HIS D 21 20.45 -8.00 -30.80
C HIS D 21 19.35 -7.03 -31.21
N ARG D 22 18.35 -7.54 -31.95
CA ARG D 22 17.24 -6.67 -32.34
C ARG D 22 16.47 -6.15 -31.14
N HIS D 23 16.22 -7.03 -30.16
CA HIS D 23 15.51 -6.60 -28.96
C HIS D 23 16.28 -5.54 -28.20
N LEU D 24 17.60 -5.71 -28.08
CA LEU D 24 18.42 -4.69 -27.43
C LEU D 24 18.35 -3.38 -28.20
N LYS D 25 18.38 -3.44 -29.53
CA LYS D 25 18.31 -2.22 -30.33
C LYS D 25 16.99 -1.48 -30.11
N SER D 26 15.89 -2.23 -30.03
CA SER D 26 14.58 -1.60 -29.86
C SER D 26 14.27 -1.24 -28.41
N ARG D 27 15.27 -1.25 -27.52
CA ARG D 27 15.03 -1.05 -26.09
C ARG D 27 15.80 0.13 -25.50
N THR D 28 16.94 0.51 -26.06
CA THR D 28 17.77 1.55 -25.48
C THR D 28 17.07 2.91 -25.61
N THR D 29 17.75 3.96 -25.16
CA THR D 29 17.17 5.29 -25.03
C THR D 29 17.11 5.96 -26.42
N SER D 30 16.82 7.27 -26.41
CA SER D 30 16.58 7.99 -27.66
C SER D 30 17.77 7.91 -28.61
N HIS D 31 18.99 7.77 -28.08
CA HIS D 31 20.16 7.57 -28.90
C HIS D 31 20.97 6.43 -28.28
N GLY D 32 21.13 5.35 -29.02
CA GLY D 32 21.87 4.20 -28.53
C GLY D 32 22.55 3.49 -29.67
N ARG D 33 23.70 2.89 -29.37
CA ARG D 33 24.47 2.12 -30.34
C ARG D 33 24.97 0.87 -29.64
N VAL D 34 24.22 -0.24 -29.78
CA VAL D 34 24.63 -1.48 -29.13
C VAL D 34 25.88 -2.02 -29.80
N GLY D 35 26.67 -2.77 -29.03
CA GLY D 35 27.88 -3.36 -29.54
C GLY D 35 27.60 -4.61 -30.34
N ALA D 36 28.68 -5.33 -30.65
CA ALA D 36 28.56 -6.59 -31.37
C ALA D 36 28.63 -7.81 -30.46
N THR D 37 29.17 -7.67 -29.25
CA THR D 37 29.31 -8.77 -28.32
C THR D 37 28.30 -8.73 -27.18
N ALA D 38 27.53 -7.63 -27.06
CA ALA D 38 26.55 -7.53 -25.99
C ALA D 38 25.49 -8.61 -26.12
N ALA D 39 24.99 -8.83 -27.34
CA ALA D 39 23.97 -9.86 -27.53
C ALA D 39 24.50 -11.23 -27.19
N VAL D 40 25.74 -11.53 -27.59
CA VAL D 40 26.33 -12.83 -27.30
C VAL D 40 26.45 -13.03 -25.79
N TYR D 41 26.95 -12.02 -25.10
CA TYR D 41 27.19 -12.16 -23.67
C TYR D 41 25.87 -12.32 -22.93
N SER D 42 24.86 -11.54 -23.30
CA SER D 42 23.54 -11.65 -22.68
C SER D 42 22.90 -13.01 -22.96
N ALA D 43 23.04 -13.52 -24.18
CA ALA D 43 22.48 -14.83 -24.49
C ALA D 43 23.15 -15.91 -23.67
N ALA D 44 24.47 -15.82 -23.48
CA ALA D 44 25.15 -16.77 -22.62
C ALA D 44 24.62 -16.72 -21.19
N ILE D 45 24.40 -15.52 -20.67
CA ILE D 45 23.86 -15.37 -19.31
C ILE D 45 22.49 -16.04 -19.22
N LEU D 46 21.61 -15.75 -20.17
CA LEU D 46 20.25 -16.29 -20.15
C LEU D 46 20.28 -17.81 -20.23
N GLU D 47 21.11 -18.36 -21.11
CA GLU D 47 21.22 -19.81 -21.24
C GLU D 47 21.68 -20.44 -19.95
N TYR D 48 22.70 -19.86 -19.30
CA TYR D 48 23.18 -20.44 -18.05
C TYR D 48 22.09 -20.43 -16.99
N LEU D 49 21.36 -19.31 -16.87
CA LEU D 49 20.34 -19.22 -15.83
C LEU D 49 19.23 -20.24 -16.06
N THR D 50 18.72 -20.33 -17.29
CA THR D 50 17.64 -21.27 -17.54
C THR D 50 18.12 -22.72 -17.41
N ALA D 51 19.37 -23.00 -17.79
CA ALA D 51 19.90 -24.35 -17.61
C ALA D 51 19.97 -24.70 -16.13
N GLU D 52 20.41 -23.76 -15.30
CA GLU D 52 20.50 -24.03 -13.87
C GLU D 52 19.12 -24.31 -13.28
N VAL D 53 18.13 -23.48 -13.63
CA VAL D 53 16.79 -23.69 -13.10
C VAL D 53 16.22 -25.03 -13.56
N LEU D 54 16.37 -25.35 -14.84
CA LEU D 54 15.81 -26.59 -15.35
C LEU D 54 16.54 -27.81 -14.80
N GLU D 55 17.83 -27.69 -14.49
CA GLU D 55 18.54 -28.84 -13.93
C GLU D 55 18.16 -29.05 -12.47
N LEU D 56 17.91 -27.96 -11.72
CA LEU D 56 17.34 -28.12 -10.39
C LEU D 56 15.95 -28.75 -10.45
N ALA D 57 15.15 -28.35 -11.44
CA ALA D 57 13.79 -28.90 -11.53
C ALA D 57 13.76 -30.31 -12.10
N GLY D 58 14.82 -30.75 -12.78
CA GLY D 58 14.85 -32.11 -13.28
C GLY D 58 14.80 -33.14 -12.18
N ASN D 59 15.62 -32.95 -11.16
CA ASN D 59 15.48 -33.71 -9.92
C ASN D 59 14.22 -33.25 -9.20
N ALA D 60 13.94 -33.86 -8.06
CA ALA D 60 12.70 -33.63 -7.31
C ALA D 60 11.47 -33.93 -8.16
N SER D 61 11.66 -34.63 -9.27
CA SER D 61 10.57 -35.10 -10.12
C SER D 61 10.75 -36.59 -10.35
N LYS D 62 12.01 -37.04 -10.33
CA LYS D 62 12.28 -38.47 -10.44
C LYS D 62 11.84 -39.21 -9.18
N ASP D 63 11.84 -38.54 -8.03
CA ASP D 63 11.41 -39.17 -6.79
C ASP D 63 9.91 -39.42 -6.75
N LEU D 64 9.12 -38.73 -7.57
CA LEU D 64 7.71 -39.03 -7.72
C LEU D 64 7.42 -39.93 -8.92
N LYS D 65 8.46 -40.38 -9.63
CA LYS D 65 8.31 -41.33 -10.74
C LYS D 65 7.42 -40.78 -11.85
N VAL D 66 7.55 -39.48 -12.12
CA VAL D 66 6.83 -38.85 -13.22
C VAL D 66 7.83 -38.52 -14.32
N LYS D 67 7.31 -38.41 -15.55
CA LYS D 67 8.15 -38.24 -16.73
C LYS D 67 7.99 -36.87 -17.38
N ARG D 68 7.64 -35.85 -16.59
CA ARG D 68 7.50 -34.50 -17.09
C ARG D 68 7.64 -33.53 -15.93
N ILE D 69 7.42 -32.24 -16.21
CA ILE D 69 7.59 -31.18 -15.22
C ILE D 69 6.27 -30.45 -15.07
N THR D 70 5.87 -30.23 -13.82
CA THR D 70 4.64 -29.57 -13.43
C THR D 70 4.96 -28.36 -12.56
N PRO D 71 4.18 -27.26 -12.65
CA PRO D 71 4.46 -26.06 -11.85
C PRO D 71 4.84 -26.33 -10.40
N ARG D 72 4.29 -27.39 -9.82
CA ARG D 72 4.66 -27.76 -8.46
C ARG D 72 6.14 -28.08 -8.36
N HIS D 73 6.67 -28.80 -9.35
CA HIS D 73 8.10 -29.14 -9.33
C HIS D 73 8.96 -27.89 -9.46
N LEU D 74 8.56 -26.96 -10.32
CA LEU D 74 9.30 -25.71 -10.44
C LEU D 74 9.30 -24.93 -9.14
N GLN D 75 8.13 -24.86 -8.47
CA GLN D 75 8.06 -24.16 -7.20
C GLN D 75 8.94 -24.81 -6.16
N LEU D 76 8.93 -26.14 -6.09
CA LEU D 76 9.76 -26.85 -5.12
C LEU D 76 11.23 -26.59 -5.39
N ALA D 77 11.65 -26.67 -6.65
CA ALA D 77 13.06 -26.45 -6.98
C ALA D 77 13.49 -25.02 -6.69
N ILE D 78 12.63 -24.04 -6.97
CA ILE D 78 13.00 -22.65 -6.73
C ILE D 78 13.10 -22.37 -5.23
N ARG D 79 12.10 -22.80 -4.47
CA ARG D 79 12.09 -22.49 -3.04
C ARG D 79 13.08 -23.32 -2.25
N GLY D 80 13.51 -24.47 -2.76
CA GLY D 80 14.48 -25.28 -2.03
C GLY D 80 15.84 -24.62 -1.92
N ASP D 81 16.34 -24.06 -3.02
CA ASP D 81 17.67 -23.46 -3.03
C ASP D 81 17.58 -22.04 -2.49
N GLU D 82 18.61 -21.63 -1.75
CA GLU D 82 18.60 -20.30 -1.13
C GLU D 82 18.92 -19.20 -2.15
N GLU D 83 19.84 -19.44 -3.08
CA GLU D 83 20.23 -18.39 -4.01
C GLU D 83 19.10 -18.05 -4.98
N LEU D 84 18.48 -19.06 -5.58
CA LEU D 84 17.34 -18.80 -6.46
C LEU D 84 16.18 -18.21 -5.69
N ASP D 85 16.02 -18.58 -4.41
CA ASP D 85 15.02 -17.93 -3.59
C ASP D 85 15.31 -16.45 -3.44
N SER D 86 16.57 -16.10 -3.19
CA SER D 86 16.93 -14.69 -3.05
C SER D 86 16.73 -13.93 -4.35
N LEU D 87 16.99 -14.57 -5.49
CA LEU D 87 16.88 -13.88 -6.77
C LEU D 87 15.42 -13.67 -7.16
N ILE D 88 14.62 -14.74 -7.13
CA ILE D 88 13.26 -14.71 -7.65
C ILE D 88 12.29 -14.50 -6.49
N LYS D 89 11.47 -13.45 -6.59
CA LYS D 89 10.40 -13.17 -5.63
C LYS D 89 9.13 -12.96 -6.45
N ALA D 90 8.42 -14.06 -6.72
CA ALA D 90 7.20 -14.01 -7.50
C ALA D 90 6.33 -15.18 -7.08
N THR D 91 5.04 -15.09 -7.42
CA THR D 91 4.06 -16.10 -7.06
C THR D 91 3.76 -16.93 -8.31
N ILE D 92 4.39 -18.11 -8.40
CA ILE D 92 4.10 -19.03 -9.49
C ILE D 92 2.66 -19.53 -9.36
N ALA D 93 1.90 -19.42 -10.45
CA ALA D 93 0.50 -19.82 -10.43
C ALA D 93 0.39 -21.33 -10.30
N GLY D 94 -0.45 -21.78 -9.37
CA GLY D 94 -0.59 -23.20 -9.12
C GLY D 94 0.66 -23.83 -8.55
N GLY D 95 1.31 -23.16 -7.60
CA GLY D 95 2.55 -23.66 -7.05
C GLY D 95 2.40 -24.36 -5.72
N GLY D 96 1.60 -23.81 -4.81
CA GLY D 96 1.49 -24.33 -3.48
C GLY D 96 2.57 -23.79 -2.56
N VAL D 97 2.66 -24.40 -1.38
CA VAL D 97 3.60 -23.96 -0.36
C VAL D 97 4.55 -25.12 -0.03
N ILE D 98 5.67 -24.78 0.58
CA ILE D 98 6.62 -25.79 1.07
C ILE D 98 6.12 -26.33 2.40
N PRO D 99 5.94 -27.64 2.55
CA PRO D 99 5.35 -28.16 3.79
C PRO D 99 6.24 -27.88 4.99
N HIS D 100 5.63 -27.40 6.06
CA HIS D 100 6.33 -27.12 7.31
C HIS D 100 5.33 -26.86 8.44
N ILE D 101 5.57 -27.46 9.61
CA ILE D 101 4.77 -27.24 10.80
C ILE D 101 5.71 -26.84 11.92
N HIS D 102 5.39 -25.74 12.61
CA HIS D 102 6.25 -25.24 13.67
C HIS D 102 6.33 -26.24 14.81
N LYS D 103 7.51 -26.33 15.43
CA LYS D 103 7.77 -27.37 16.41
C LYS D 103 6.89 -27.22 17.65
N SER D 104 6.67 -25.98 18.09
CA SER D 104 5.81 -25.76 19.25
C SER D 104 4.37 -26.21 18.99
N LEU D 105 3.95 -26.24 17.73
CA LEU D 105 2.60 -26.67 17.40
C LEU D 105 2.44 -28.17 17.52
N ILE D 106 3.45 -28.93 17.08
CA ILE D 106 3.36 -30.39 17.09
C ILE D 106 3.27 -30.88 18.52
N GLY D 107 2.35 -31.81 18.77
CA GLY D 107 2.24 -32.43 20.08
C GLY D 107 3.50 -33.13 20.49
N LYS D 108 3.98 -32.84 21.70
CA LYS D 108 5.23 -33.43 22.18
C LYS D 108 5.09 -34.94 22.40
N LYS D 109 3.89 -35.40 22.76
CA LYS D 109 3.65 -36.81 23.04
C LYS D 109 3.14 -37.49 21.78
N GLY D 110 3.91 -38.46 21.28
CA GLY D 110 3.53 -39.17 20.08
C GLY D 110 3.68 -38.34 18.81
N GLN D 111 3.02 -38.82 17.76
CA GLN D 111 3.03 -38.16 16.45
C GLN D 111 4.46 -37.96 15.93
N GLN D 112 5.30 -38.97 16.13
CA GLN D 112 6.67 -38.94 15.63
C GLN D 112 6.97 -40.15 14.77
N ARG E 1 -3.45 -14.26 -36.21
CA ARG E 1 -3.08 -14.15 -37.62
C ARG E 1 -1.83 -13.30 -37.80
N SER E 2 -0.82 -13.54 -36.96
CA SER E 2 0.42 -12.77 -37.04
C SER E 2 1.58 -13.66 -36.61
N ARG E 3 2.78 -13.24 -37.02
CA ARG E 3 4.01 -13.98 -36.74
C ARG E 3 4.46 -13.65 -35.33
N LYS E 4 3.99 -14.43 -34.36
CA LYS E 4 4.35 -14.20 -32.97
C LYS E 4 5.68 -14.87 -32.63
N GLU E 5 6.26 -14.45 -31.51
CA GLU E 5 7.57 -14.93 -31.09
C GLU E 5 7.52 -15.42 -29.65
N SER E 6 8.38 -16.39 -29.35
CA SER E 6 8.46 -16.95 -28.00
C SER E 6 9.81 -17.65 -27.86
N TYR E 7 9.99 -18.33 -26.72
CA TYR E 7 11.24 -19.01 -26.40
C TYR E 7 11.03 -20.50 -26.15
N SER E 8 10.02 -21.10 -26.78
CA SER E 8 9.70 -22.50 -26.47
C SER E 8 10.76 -23.45 -27.01
N VAL E 9 11.17 -23.26 -28.26
CA VAL E 9 12.10 -24.21 -28.89
C VAL E 9 13.43 -24.22 -28.15
N TYR E 10 13.92 -23.06 -27.74
CA TYR E 10 15.21 -22.98 -27.07
C TYR E 10 15.15 -23.62 -25.69
N VAL E 11 14.07 -23.38 -24.94
CA VAL E 11 13.92 -24.02 -23.65
C VAL E 11 13.88 -25.54 -23.81
N TYR E 12 13.15 -26.02 -24.83
CA TYR E 12 13.07 -27.46 -25.03
C TYR E 12 14.43 -28.04 -25.40
N LYS E 13 15.19 -27.33 -26.23
CA LYS E 13 16.52 -27.82 -26.59
C LYS E 13 17.44 -27.87 -25.37
N VAL E 14 17.37 -26.85 -24.52
CA VAL E 14 18.19 -26.86 -23.30
C VAL E 14 17.79 -28.01 -22.40
N LEU E 15 16.48 -28.25 -22.25
CA LEU E 15 16.03 -29.34 -21.41
C LEU E 15 16.49 -30.69 -21.94
N LYS E 16 16.41 -30.89 -23.26
CA LYS E 16 16.89 -32.14 -23.84
C LYS E 16 18.40 -32.28 -23.71
N GLN E 17 19.12 -31.15 -23.67
CA GLN E 17 20.56 -31.22 -23.50
C GLN E 17 20.93 -31.62 -22.07
N VAL E 18 20.26 -31.03 -21.07
CA VAL E 18 20.66 -31.26 -19.69
C VAL E 18 20.03 -32.53 -19.12
N HIS E 19 18.89 -32.96 -19.64
CA HIS E 19 18.25 -34.19 -19.23
C HIS E 19 17.51 -34.87 -20.38
N PRO E 20 18.03 -35.97 -20.90
CA PRO E 20 17.25 -36.73 -21.88
C PRO E 20 16.02 -37.36 -21.24
N ASP E 21 15.22 -38.07 -22.03
CA ASP E 21 14.01 -38.79 -21.61
C ASP E 21 13.17 -38.07 -20.56
N THR E 22 12.96 -36.76 -20.74
CA THR E 22 12.15 -35.97 -19.82
C THR E 22 11.31 -34.98 -20.62
N GLY E 23 10.04 -34.84 -20.23
CA GLY E 23 9.13 -33.93 -20.87
C GLY E 23 8.82 -32.72 -20.02
N ILE E 24 7.85 -31.94 -20.50
CA ILE E 24 7.42 -30.73 -19.80
C ILE E 24 5.96 -30.46 -20.14
N SER E 25 5.24 -29.89 -19.19
CA SER E 25 3.82 -29.62 -19.36
C SER E 25 3.64 -28.35 -20.19
N SER E 26 2.41 -27.84 -20.23
CA SER E 26 2.11 -26.64 -20.99
C SER E 26 2.26 -25.37 -20.16
N LYS E 27 1.81 -25.40 -18.91
CA LYS E 27 1.89 -24.20 -18.06
C LYS E 27 3.34 -23.90 -17.69
N ALA E 28 4.15 -24.94 -17.52
CA ALA E 28 5.57 -24.73 -17.21
C ALA E 28 6.27 -23.97 -18.31
N MET E 29 5.86 -24.18 -19.57
CA MET E 29 6.47 -23.44 -20.67
C MET E 29 6.19 -21.94 -20.53
N GLY E 30 4.95 -21.58 -20.21
CA GLY E 30 4.64 -20.18 -19.98
C GLY E 30 5.41 -19.61 -18.82
N ILE E 31 5.57 -20.40 -17.75
CA ILE E 31 6.31 -19.92 -16.59
C ILE E 31 7.76 -19.62 -16.96
N MET E 32 8.39 -20.54 -17.69
CA MET E 32 9.78 -20.33 -18.09
C MET E 32 9.92 -19.14 -19.03
N ASN E 33 8.96 -18.98 -19.95
CA ASN E 33 8.98 -17.83 -20.84
C ASN E 33 8.92 -16.52 -20.07
N SER E 34 8.01 -16.45 -19.09
CA SER E 34 7.90 -15.24 -18.28
C SER E 34 9.16 -14.99 -17.49
N PHE E 35 9.78 -16.04 -16.96
CA PHE E 35 11.01 -15.88 -16.19
C PHE E 35 12.12 -15.31 -17.06
N VAL E 36 12.28 -15.84 -18.27
CA VAL E 36 13.33 -15.34 -19.17
C VAL E 36 13.08 -13.88 -19.51
N ASN E 37 11.82 -13.52 -19.80
CA ASN E 37 11.51 -12.14 -20.14
C ASN E 37 11.81 -11.20 -18.98
N ASP E 38 11.46 -11.61 -17.76
CA ASP E 38 11.71 -10.77 -16.59
C ASP E 38 13.21 -10.52 -16.41
N ILE E 39 14.01 -11.58 -16.48
CA ILE E 39 15.45 -11.43 -16.30
C ILE E 39 16.03 -10.52 -17.39
N PHE E 40 15.60 -10.73 -18.64
CA PHE E 40 16.12 -9.91 -19.72
C PHE E 40 15.79 -8.43 -19.51
N GLU E 41 14.55 -8.14 -19.10
CA GLU E 41 14.17 -6.75 -18.87
C GLU E 41 15.00 -6.11 -17.77
N ARG E 42 15.22 -6.84 -16.67
CA ARG E 42 16.01 -6.28 -15.58
C ARG E 42 17.43 -5.95 -16.03
N ILE E 43 18.07 -6.88 -16.75
CA ILE E 43 19.44 -6.64 -17.20
C ILE E 43 19.49 -5.46 -18.17
N ALA E 44 18.53 -5.39 -19.10
CA ALA E 44 18.55 -4.28 -20.07
C ALA E 44 18.39 -2.94 -19.36
N GLY E 45 17.48 -2.86 -18.39
CA GLY E 45 17.31 -1.61 -17.67
C GLY E 45 18.56 -1.18 -16.93
N GLU E 46 19.19 -2.12 -16.22
CA GLU E 46 20.39 -1.77 -15.47
C GLU E 46 21.53 -1.33 -16.40
N ALA E 47 21.69 -2.02 -17.53
CA ALA E 47 22.75 -1.65 -18.47
C ALA E 47 22.50 -0.26 -19.04
N SER E 48 21.24 0.06 -19.37
CA SER E 48 20.95 1.39 -19.87
C SER E 48 21.28 2.46 -18.83
N ARG E 49 20.92 2.22 -17.57
CA ARG E 49 21.22 3.19 -16.53
C ARG E 49 22.73 3.39 -16.38
N LEU E 50 23.50 2.31 -16.38
CA LEU E 50 24.95 2.44 -16.25
C LEU E 50 25.53 3.22 -17.42
N ALA E 51 25.08 2.94 -18.64
CA ALA E 51 25.57 3.70 -19.79
C ALA E 51 25.22 5.16 -19.66
N HIS E 52 24.02 5.48 -19.17
CA HIS E 52 23.60 6.87 -19.05
C HIS E 52 24.44 7.61 -18.01
N TYR E 53 24.75 6.97 -16.88
CA TYR E 53 25.42 7.68 -15.80
C TYR E 53 26.80 8.17 -16.20
N ASN E 54 27.55 7.37 -16.94
CA ASN E 54 28.92 7.70 -17.30
C ASN E 54 29.01 8.58 -18.54
N LYS E 55 27.87 9.06 -19.04
CA LYS E 55 27.82 9.93 -20.22
C LYS E 55 28.45 9.26 -21.44
N ARG E 56 27.96 8.08 -21.77
CA ARG E 56 28.38 7.34 -22.95
C ARG E 56 27.16 6.83 -23.69
N SER E 57 27.14 7.05 -25.00
CA SER E 57 25.99 6.67 -25.81
C SER E 57 25.93 5.17 -26.07
N THR E 58 27.05 4.55 -26.36
CA THR E 58 27.06 3.17 -26.81
C THR E 58 26.94 2.19 -25.64
N ILE E 59 26.69 0.94 -25.97
CA ILE E 59 26.59 -0.15 -25.01
C ILE E 59 27.53 -1.26 -25.44
N THR E 60 28.34 -1.75 -24.51
CA THR E 60 29.36 -2.75 -24.80
C THR E 60 29.23 -3.88 -23.79
N SER E 61 29.98 -4.96 -24.02
CA SER E 61 29.90 -6.13 -23.14
C SER E 61 30.27 -5.78 -21.71
N ARG E 62 31.08 -4.74 -21.51
CA ARG E 62 31.48 -4.36 -20.16
C ARG E 62 30.27 -3.92 -19.34
N GLU E 63 29.33 -3.21 -19.96
CA GLU E 63 28.13 -2.78 -19.24
C GLU E 63 27.29 -3.96 -18.81
N ILE E 64 27.10 -4.94 -19.70
CA ILE E 64 26.32 -6.12 -19.34
C ILE E 64 27.01 -6.89 -18.23
N GLN E 65 28.35 -6.98 -18.29
CA GLN E 65 29.09 -7.67 -17.25
C GLN E 65 28.93 -6.98 -15.90
N THR E 66 29.03 -5.65 -15.89
CA THR E 66 28.83 -4.93 -14.63
C THR E 66 27.42 -5.12 -14.10
N ALA E 67 26.42 -5.07 -14.99
CA ALA E 67 25.04 -5.23 -14.56
C ALA E 67 24.80 -6.61 -13.96
N VAL E 68 25.32 -7.66 -14.61
CA VAL E 68 25.09 -9.00 -14.08
C VAL E 68 25.87 -9.19 -12.77
N ARG E 69 27.08 -8.63 -12.66
CA ARG E 69 27.80 -8.74 -11.40
C ARG E 69 27.10 -7.97 -10.29
N LEU E 70 26.35 -6.95 -10.65
CA LEU E 70 25.70 -6.08 -9.68
C LEU E 70 24.29 -6.53 -9.31
N LEU E 71 23.67 -7.41 -10.10
CA LEU E 71 22.29 -7.79 -9.87
C LEU E 71 22.12 -9.21 -9.34
N LEU E 72 23.12 -10.08 -9.49
CA LEU E 72 23.00 -11.48 -9.11
C LEU E 72 23.80 -11.78 -7.84
N PRO E 73 23.37 -12.76 -7.05
CA PRO E 73 24.13 -13.13 -5.84
C PRO E 73 25.50 -13.68 -6.19
N GLY E 74 26.34 -13.81 -5.16
CA GLY E 74 27.77 -14.00 -5.33
C GLY E 74 28.26 -15.13 -6.22
N GLU E 75 28.05 -16.38 -5.80
CA GLU E 75 28.56 -17.51 -6.57
C GLU E 75 27.87 -17.61 -7.92
N LEU E 76 26.56 -17.37 -7.96
CA LEU E 76 25.83 -17.41 -9.21
C LEU E 76 26.35 -16.36 -10.18
N ALA E 77 26.64 -15.15 -9.66
CA ALA E 77 27.22 -14.11 -10.49
C ALA E 77 28.59 -14.52 -11.01
N LYS E 78 29.43 -15.12 -10.15
CA LYS E 78 30.76 -15.53 -10.59
C LYS E 78 30.67 -16.55 -11.71
N HIS E 79 29.84 -17.57 -11.54
CA HIS E 79 29.72 -18.61 -12.57
C HIS E 79 29.16 -18.03 -13.86
N ALA E 80 28.13 -17.18 -13.78
CA ALA E 80 27.55 -16.60 -14.97
C ALA E 80 28.55 -15.72 -15.71
N VAL E 81 29.33 -14.93 -14.96
CA VAL E 81 30.32 -14.06 -15.57
C VAL E 81 31.39 -14.90 -16.29
N SER E 82 31.87 -15.96 -15.65
CA SER E 82 32.86 -16.82 -16.28
C SER E 82 32.31 -17.45 -17.55
N GLU E 83 31.07 -17.94 -17.50
CA GLU E 83 30.46 -18.54 -18.69
C GLU E 83 30.33 -17.53 -19.82
N GLY E 84 29.88 -16.32 -19.51
CA GLY E 84 29.72 -15.31 -20.55
C GLY E 84 31.06 -14.91 -21.16
N THR E 85 32.09 -14.75 -20.33
CA THR E 85 33.40 -14.41 -20.84
C THR E 85 33.94 -15.51 -21.74
N LYS E 86 33.75 -16.77 -21.34
CA LYS E 86 34.18 -17.87 -22.20
C LYS E 86 33.46 -17.83 -23.53
N ALA E 87 32.14 -17.58 -23.51
CA ALA E 87 31.37 -17.55 -24.75
C ALA E 87 31.85 -16.43 -25.68
N VAL E 88 32.04 -15.23 -25.13
CA VAL E 88 32.44 -14.11 -25.96
C VAL E 88 33.85 -14.30 -26.50
N THR E 89 34.74 -14.90 -25.71
CA THR E 89 36.07 -15.22 -26.22
C THR E 89 35.98 -16.23 -27.36
N LYS E 90 35.09 -17.21 -27.23
CA LYS E 90 34.91 -18.19 -28.31
C LYS E 90 34.39 -17.51 -29.57
N TYR E 91 33.47 -16.54 -29.43
CA TYR E 91 32.84 -15.93 -30.60
C TYR E 91 33.86 -15.21 -31.47
N THR E 92 34.67 -14.34 -30.88
CA THR E 92 35.59 -13.52 -31.66
C THR E 92 36.80 -14.32 -32.14
N SER E 93 37.08 -15.47 -31.54
CA SER E 93 38.18 -16.33 -31.98
C SER E 93 37.71 -17.26 -33.11
N ALA E 94 37.35 -16.64 -34.23
CA ALA E 94 36.81 -17.37 -35.37
C ALA E 94 37.90 -18.25 -35.97
N LYS E 95 37.80 -19.55 -35.72
CA LYS E 95 38.80 -20.53 -36.18
C LYS E 95 40.21 -20.15 -35.76
N PRO F 39 -19.12 -44.64 19.78
CA PRO F 39 -18.93 -43.24 19.42
C PRO F 39 -17.46 -42.81 19.54
N HIS F 40 -16.65 -43.14 18.53
CA HIS F 40 -15.24 -42.79 18.55
C HIS F 40 -15.09 -41.28 18.40
N ARG F 41 -14.73 -40.61 19.49
CA ARG F 41 -14.51 -39.18 19.50
C ARG F 41 -13.01 -38.89 19.56
N TYR F 42 -12.55 -38.02 18.68
CA TYR F 42 -11.14 -37.67 18.63
C TYR F 42 -10.81 -36.61 19.69
N ARG F 43 -9.59 -36.67 20.19
CA ARG F 43 -9.10 -35.61 21.05
C ARG F 43 -8.85 -34.35 20.22
N PRO F 44 -9.27 -33.18 20.70
CA PRO F 44 -9.08 -31.96 19.92
C PRO F 44 -7.62 -31.71 19.60
N GLY F 45 -7.36 -31.29 18.36
CA GLY F 45 -6.01 -31.01 17.94
C GLY F 45 -5.52 -31.91 16.81
N THR F 46 -5.87 -33.19 16.86
CA THR F 46 -5.40 -34.12 15.85
C THR F 46 -6.06 -33.85 14.50
N VAL F 47 -7.33 -33.43 14.50
CA VAL F 47 -8.02 -33.14 13.26
C VAL F 47 -7.39 -31.92 12.58
N ALA F 48 -6.97 -30.93 13.37
CA ALA F 48 -6.30 -29.76 12.80
C ALA F 48 -5.00 -30.15 12.11
N LEU F 49 -4.21 -31.02 12.74
CA LEU F 49 -2.97 -31.47 12.12
C LEU F 49 -3.24 -32.26 10.85
N ARG F 50 -4.26 -33.13 10.88
CA ARG F 50 -4.61 -33.88 9.68
C ARG F 50 -5.01 -32.95 8.55
N GLU F 51 -5.82 -31.92 8.86
CA GLU F 51 -6.25 -30.97 7.84
C GLU F 51 -5.08 -30.18 7.29
N ILE F 52 -4.14 -29.79 8.17
CA ILE F 52 -2.96 -29.07 7.72
C ILE F 52 -2.14 -29.92 6.76
N ARG F 53 -1.91 -31.18 7.12
CA ARG F 53 -1.14 -32.05 6.24
C ARG F 53 -1.88 -32.33 4.93
N ARG F 54 -3.21 -32.31 4.97
CA ARG F 54 -3.96 -32.51 3.73
C ARG F 54 -3.88 -31.30 2.81
N TYR F 55 -3.99 -30.10 3.37
CA TYR F 55 -4.04 -28.89 2.54
C TYR F 55 -2.66 -28.35 2.18
N GLN F 56 -1.60 -28.80 2.83
CA GLN F 56 -0.29 -28.28 2.48
C GLN F 56 0.33 -28.97 1.27
N LYS F 57 -0.23 -30.09 0.82
CA LYS F 57 0.27 -30.79 -0.36
C LYS F 57 -0.58 -30.56 -1.60
N SER F 58 -1.71 -29.89 -1.47
CA SER F 58 -2.62 -29.69 -2.58
C SER F 58 -2.21 -28.44 -3.38
N THR F 59 -2.90 -28.23 -4.51
CA THR F 59 -2.53 -27.15 -5.41
C THR F 59 -3.75 -26.43 -5.97
N GLU F 60 -4.97 -26.86 -5.64
CA GLU F 60 -6.17 -26.26 -6.22
C GLU F 60 -6.50 -24.94 -5.51
N LEU F 61 -7.64 -24.36 -5.88
CA LEU F 61 -8.10 -23.12 -5.29
C LEU F 61 -9.12 -23.39 -4.20
N LEU F 62 -9.08 -22.57 -3.15
CA LEU F 62 -9.86 -22.81 -1.94
C LEU F 62 -11.00 -21.83 -1.78
N ILE F 63 -11.40 -21.16 -2.85
CA ILE F 63 -12.51 -20.20 -2.82
C ILE F 63 -13.48 -20.55 -3.93
N ARG F 64 -14.77 -20.52 -3.63
CA ARG F 64 -15.79 -20.74 -4.64
C ARG F 64 -15.70 -19.66 -5.72
N LYS F 65 -15.78 -20.08 -6.98
CA LYS F 65 -15.47 -19.18 -8.08
C LYS F 65 -16.58 -18.15 -8.31
N LEU F 66 -17.84 -18.59 -8.27
CA LEU F 66 -18.94 -17.69 -8.61
C LEU F 66 -19.09 -16.51 -7.65
N PRO F 67 -19.12 -16.70 -6.32
CA PRO F 67 -19.21 -15.51 -5.45
C PRO F 67 -18.02 -14.58 -5.60
N PHE F 68 -16.83 -15.13 -5.83
CA PHE F 68 -15.66 -14.28 -6.06
C PHE F 68 -15.84 -13.46 -7.33
N GLN F 69 -16.36 -14.07 -8.39
CA GLN F 69 -16.58 -13.32 -9.62
C GLN F 69 -17.60 -12.20 -9.40
N ARG F 70 -18.67 -12.49 -8.66
CA ARG F 70 -19.67 -11.45 -8.39
C ARG F 70 -19.05 -10.30 -7.59
N LEU F 71 -18.24 -10.62 -6.58
CA LEU F 71 -17.62 -9.58 -5.78
C LEU F 71 -16.67 -8.73 -6.62
N VAL F 72 -15.88 -9.36 -7.48
CA VAL F 72 -14.96 -8.60 -8.33
C VAL F 72 -15.74 -7.69 -9.27
N ARG F 73 -16.83 -8.19 -9.85
CA ARG F 73 -17.62 -7.37 -10.76
C ARG F 73 -18.21 -6.17 -10.03
N GLU F 74 -18.72 -6.37 -8.82
CA GLU F 74 -19.26 -5.24 -8.06
C GLU F 74 -18.19 -4.20 -7.75
N ILE F 75 -17.03 -4.65 -7.29
CA ILE F 75 -15.96 -3.71 -6.93
C ILE F 75 -15.52 -2.92 -8.15
N ALA F 76 -15.39 -3.60 -9.30
CA ALA F 76 -15.01 -2.88 -10.52
C ALA F 76 -16.10 -1.92 -10.96
N GLN F 77 -17.36 -2.32 -10.85
CA GLN F 77 -18.46 -1.45 -11.26
C GLN F 77 -18.54 -0.20 -10.41
N ASP F 78 -18.06 -0.28 -9.16
CA ASP F 78 -18.02 0.93 -8.33
C ASP F 78 -17.17 2.04 -8.95
N PHE F 79 -16.24 1.70 -9.84
CA PHE F 79 -15.38 2.71 -10.47
C PHE F 79 -15.96 3.21 -11.79
N LYS F 80 -16.17 2.31 -12.73
CA LYS F 80 -16.76 2.65 -14.03
C LYS F 80 -17.87 1.65 -14.34
N THR F 81 -18.89 2.12 -15.05
CA THR F 81 -20.06 1.31 -15.33
C THR F 81 -19.89 0.51 -16.62
N ASP F 82 -20.78 -0.47 -16.79
CA ASP F 82 -20.94 -1.27 -18.02
C ASP F 82 -19.65 -1.94 -18.48
N LEU F 83 -18.78 -2.32 -17.54
CA LEU F 83 -17.56 -3.01 -17.89
C LEU F 83 -17.84 -4.44 -18.37
N ARG F 84 -16.87 -4.98 -19.12
CA ARG F 84 -16.86 -6.37 -19.55
C ARG F 84 -15.56 -7.00 -19.08
N PHE F 85 -15.63 -8.22 -18.59
CA PHE F 85 -14.48 -8.90 -18.03
C PHE F 85 -14.06 -10.08 -18.91
N GLN F 86 -12.81 -10.48 -18.74
CA GLN F 86 -12.24 -11.64 -19.42
C GLN F 86 -11.89 -12.69 -18.37
N SER F 87 -12.10 -13.96 -18.71
CA SER F 87 -12.01 -15.03 -17.72
C SER F 87 -10.63 -15.10 -17.08
N SER F 88 -9.58 -14.98 -17.90
CA SER F 88 -8.23 -15.05 -17.37
C SER F 88 -7.96 -13.96 -16.35
N ALA F 89 -8.57 -12.79 -16.51
CA ALA F 89 -8.39 -11.72 -15.54
C ALA F 89 -8.97 -12.11 -14.18
N VAL F 90 -10.15 -12.72 -14.17
CA VAL F 90 -10.74 -13.17 -12.92
C VAL F 90 -9.87 -14.24 -12.28
N MET F 91 -9.37 -15.18 -13.09
CA MET F 91 -8.51 -16.23 -12.55
C MET F 91 -7.25 -15.64 -11.93
N ALA F 92 -6.63 -14.67 -12.61
CA ALA F 92 -5.42 -14.06 -12.09
C ALA F 92 -5.69 -13.33 -10.78
N LEU F 93 -6.82 -12.61 -10.70
CA LEU F 93 -7.15 -11.93 -9.46
C LEU F 93 -7.31 -12.92 -8.32
N GLN F 94 -8.00 -14.04 -8.58
CA GLN F 94 -8.17 -15.04 -7.54
C GLN F 94 -6.83 -15.59 -7.06
N GLU F 95 -5.93 -15.90 -7.99
CA GLU F 95 -4.63 -16.42 -7.62
C GLU F 95 -3.86 -15.43 -6.76
N ALA F 96 -3.85 -14.16 -7.17
CA ALA F 96 -3.11 -13.15 -6.42
C ALA F 96 -3.66 -13.00 -5.01
N CYS F 97 -4.99 -12.95 -4.87
CA CYS F 97 -5.57 -12.76 -3.55
C CYS F 97 -5.29 -13.94 -2.64
N GLU F 98 -5.39 -15.17 -3.15
CA GLU F 98 -5.11 -16.33 -2.32
C GLU F 98 -3.66 -16.33 -1.85
N ALA F 99 -2.73 -16.02 -2.74
CA ALA F 99 -1.33 -15.97 -2.35
C ALA F 99 -1.09 -14.91 -1.27
N TYR F 100 -1.71 -13.74 -1.42
CA TYR F 100 -1.52 -12.67 -0.45
C TYR F 100 -2.05 -13.08 0.92
N LEU F 101 -3.23 -13.69 0.97
CA LEU F 101 -3.78 -14.09 2.27
C LEU F 101 -2.93 -15.16 2.94
N VAL F 102 -2.44 -16.14 2.18
CA VAL F 102 -1.58 -17.16 2.78
C VAL F 102 -0.32 -16.52 3.36
N GLY F 103 0.30 -15.61 2.59
CA GLY F 103 1.48 -14.92 3.09
C GLY F 103 1.21 -14.14 4.35
N LEU F 104 0.03 -13.52 4.45
CA LEU F 104 -0.31 -12.81 5.68
C LEU F 104 -0.49 -13.77 6.86
N PHE F 105 -1.11 -14.92 6.62
CA PHE F 105 -1.40 -15.84 7.72
C PHE F 105 -0.13 -16.45 8.30
N GLU F 106 0.89 -16.70 7.46
CA GLU F 106 2.14 -17.21 8.00
C GLU F 106 2.73 -16.26 9.05
N ASP F 107 2.83 -14.97 8.71
CA ASP F 107 3.39 -14.00 9.64
C ASP F 107 2.50 -13.79 10.85
N THR F 108 1.17 -13.87 10.66
CA THR F 108 0.28 -13.81 11.81
C THR F 108 0.57 -14.94 12.79
N ASN F 109 0.79 -16.15 12.28
CA ASN F 109 1.14 -17.26 13.16
C ASN F 109 2.45 -17.02 13.87
N LEU F 110 3.45 -16.48 13.17
CA LEU F 110 4.72 -16.17 13.84
C LEU F 110 4.51 -15.20 14.99
N CYS F 111 3.74 -14.14 14.75
CA CYS F 111 3.48 -13.16 15.81
C CYS F 111 2.73 -13.79 16.97
N ALA F 112 1.78 -14.69 16.68
CA ALA F 112 1.01 -15.33 17.75
C ALA F 112 1.91 -16.22 18.60
N ILE F 113 2.82 -16.97 17.97
CA ILE F 113 3.74 -17.80 18.74
C ILE F 113 4.66 -16.95 19.59
N HIS F 114 5.11 -15.80 19.08
CA HIS F 114 6.08 -15.00 19.81
C HIS F 114 5.54 -14.53 21.15
N ALA F 115 4.22 -14.51 21.32
CA ALA F 115 3.62 -14.06 22.58
C ALA F 115 3.28 -15.21 23.51
N LYS F 116 3.84 -16.40 23.28
CA LYS F 116 3.58 -17.58 24.08
C LYS F 116 2.08 -17.91 24.10
N ARG F 117 1.57 -18.21 22.91
CA ARG F 117 0.15 -18.47 22.72
C ARG F 117 -0.01 -19.36 21.50
N VAL F 118 -1.17 -19.98 21.37
CA VAL F 118 -1.46 -20.91 20.30
C VAL F 118 -2.49 -20.34 19.32
N THR F 119 -3.61 -19.84 19.84
CA THR F 119 -4.61 -19.23 18.97
C THR F 119 -4.12 -17.91 18.43
N ILE F 120 -4.68 -17.48 17.30
CA ILE F 120 -4.33 -16.21 16.69
C ILE F 120 -5.46 -15.23 16.92
N MET F 121 -5.11 -13.96 17.12
CA MET F 121 -6.03 -12.91 17.48
C MET F 121 -5.85 -11.74 16.51
N PRO F 122 -6.85 -10.86 16.39
CA PRO F 122 -6.72 -9.75 15.44
C PRO F 122 -5.53 -8.85 15.69
N LYS F 123 -5.13 -8.66 16.95
CA LYS F 123 -3.98 -7.81 17.24
C LYS F 123 -2.71 -8.36 16.60
N ASP F 124 -2.63 -9.67 16.41
CA ASP F 124 -1.50 -10.24 15.68
C ASP F 124 -1.48 -9.75 14.23
N ILE F 125 -2.63 -9.75 13.58
CA ILE F 125 -2.72 -9.23 12.22
C ILE F 125 -2.32 -7.76 12.18
N GLN F 126 -2.83 -6.99 13.14
CA GLN F 126 -2.51 -5.57 13.19
C GLN F 126 -1.01 -5.35 13.31
N LEU F 127 -0.36 -6.10 14.21
CA LEU F 127 1.08 -5.96 14.39
C LEU F 127 1.85 -6.37 13.15
N ALA F 128 1.46 -7.48 12.51
CA ALA F 128 2.18 -7.91 11.32
C ALA F 128 2.08 -6.88 10.21
N ARG F 129 0.88 -6.35 9.99
CA ARG F 129 0.72 -5.35 8.94
C ARG F 129 1.48 -4.07 9.28
N ARG F 130 1.47 -3.66 10.55
CA ARG F 130 2.19 -2.46 10.93
C ARG F 130 3.69 -2.61 10.70
N ILE F 131 4.24 -3.77 11.06
CA ILE F 131 5.68 -3.98 10.86
C ILE F 131 6.02 -4.02 9.38
N ARG F 132 5.22 -4.75 8.58
CA ARG F 132 5.53 -4.87 7.17
C ARG F 132 5.37 -3.57 6.41
N GLY F 133 4.76 -2.56 7.03
CA GLY F 133 4.64 -1.25 6.44
C GLY F 133 3.39 -1.00 5.64
N GLU F 134 2.55 -2.01 5.42
CA GLU F 134 1.37 -1.84 4.58
C GLU F 134 0.41 -0.82 5.18
N ARG F 135 0.04 -1.02 6.45
CA ARG F 135 -0.89 -0.13 7.15
C ARG F 135 -2.19 0.09 6.36
N ARG G 1 -38.03 4.54 -7.47
CA ARG G 1 -37.45 5.43 -6.46
C ARG G 1 -36.10 4.90 -5.99
N HIS G 2 -35.27 5.78 -5.44
CA HIS G 2 -33.94 5.36 -5.04
C HIS G 2 -34.00 4.62 -3.72
N ARG G 3 -33.09 3.66 -3.55
CA ARG G 3 -32.96 2.90 -2.32
C ARG G 3 -31.50 2.91 -1.90
N MET G 4 -31.28 2.76 -0.59
CA MET G 4 -29.93 2.64 -0.08
C MET G 4 -29.35 1.29 -0.46
N VAL G 5 -28.04 1.26 -0.74
CA VAL G 5 -27.37 0.07 -1.24
C VAL G 5 -26.19 -0.26 -0.35
N LEU G 6 -25.99 -1.55 -0.07
CA LEU G 6 -24.84 -2.07 0.64
C LEU G 6 -23.88 -2.74 -0.33
N ARG G 7 -22.78 -3.23 0.24
CA ARG G 7 -21.83 -4.10 -0.44
C ARG G 7 -21.87 -5.44 0.30
N ASP G 8 -22.84 -6.27 -0.05
CA ASP G 8 -23.06 -7.54 0.61
C ASP G 8 -22.34 -8.70 -0.05
N ASN G 9 -21.61 -8.45 -1.15
CA ASN G 9 -20.90 -9.54 -1.79
C ASN G 9 -19.63 -9.92 -1.03
N ILE G 10 -19.15 -9.06 -0.12
CA ILE G 10 -18.03 -9.44 0.72
C ILE G 10 -18.40 -10.58 1.64
N GLN G 11 -19.69 -10.83 1.84
CA GLN G 11 -20.14 -11.96 2.64
C GLN G 11 -20.16 -13.26 1.87
N GLY G 12 -19.81 -13.23 0.58
CA GLY G 12 -19.71 -14.47 -0.17
C GLY G 12 -18.47 -15.27 0.17
N ILE G 13 -17.46 -14.62 0.75
CA ILE G 13 -16.25 -15.31 1.20
C ILE G 13 -16.59 -16.00 2.51
N THR G 14 -16.97 -17.27 2.42
CA THR G 14 -17.61 -17.95 3.53
C THR G 14 -16.56 -18.39 4.56
N LYS G 15 -17.01 -18.55 5.80
CA LYS G 15 -16.08 -18.85 6.90
C LYS G 15 -15.24 -20.11 6.68
N PRO G 16 -15.78 -21.24 6.18
CA PRO G 16 -14.90 -22.38 5.88
C PRO G 16 -13.79 -22.05 4.90
N ALA G 17 -14.00 -21.11 3.97
CA ALA G 17 -12.91 -20.70 3.09
C ALA G 17 -11.77 -20.07 3.88
N ILE G 18 -12.11 -19.21 4.84
CA ILE G 18 -11.10 -18.63 5.71
C ILE G 18 -10.39 -19.72 6.49
N ARG G 19 -11.14 -20.70 7.00
CA ARG G 19 -10.53 -21.79 7.75
C ARG G 19 -9.53 -22.55 6.89
N ARG G 20 -9.91 -22.87 5.65
CA ARG G 20 -9.02 -23.62 4.77
C ARG G 20 -7.78 -22.82 4.42
N LEU G 21 -7.94 -21.52 4.16
CA LEU G 21 -6.78 -20.69 3.88
C LEU G 21 -5.82 -20.66 5.07
N ALA G 22 -6.37 -20.53 6.28
CA ALA G 22 -5.51 -20.53 7.47
C ALA G 22 -4.81 -21.86 7.65
N ARG G 23 -5.52 -22.97 7.41
CA ARG G 23 -4.89 -24.29 7.53
C ARG G 23 -3.75 -24.43 6.54
N ARG G 24 -3.96 -24.00 5.29
CA ARG G 24 -2.87 -23.98 4.33
C ARG G 24 -1.72 -23.11 4.83
N GLY G 25 -2.02 -22.03 5.53
CA GLY G 25 -0.97 -21.20 6.09
C GLY G 25 -0.19 -21.91 7.19
N GLY G 26 -0.87 -22.71 8.00
CA GLY G 26 -0.22 -23.43 9.07
C GLY G 26 -0.71 -23.04 10.46
N VAL G 27 -1.98 -22.68 10.56
CA VAL G 27 -2.58 -22.23 11.81
C VAL G 27 -3.33 -23.39 12.46
N LYS G 28 -3.18 -23.54 13.77
CA LYS G 28 -3.81 -24.63 14.49
C LYS G 28 -5.17 -24.24 15.06
N ARG G 29 -5.20 -23.21 15.91
CA ARG G 29 -6.43 -22.76 16.55
C ARG G 29 -6.73 -21.34 16.11
N ILE G 30 -8.00 -21.08 15.81
CA ILE G 30 -8.45 -19.82 15.23
C ILE G 30 -9.51 -19.21 16.14
N SER G 31 -9.32 -17.95 16.51
CA SER G 31 -10.32 -17.26 17.31
C SER G 31 -11.55 -16.96 16.46
N GLY G 32 -12.62 -16.53 17.14
CA GLY G 32 -13.85 -16.26 16.43
C GLY G 32 -13.93 -14.89 15.79
N LEU G 33 -13.11 -13.94 16.24
CA LEU G 33 -13.24 -12.57 15.75
C LEU G 33 -12.70 -12.43 14.33
N ILE G 34 -11.55 -13.05 14.05
CA ILE G 34 -10.81 -12.74 12.83
C ILE G 34 -11.59 -13.08 11.57
N TYR G 35 -12.62 -13.91 11.67
CA TYR G 35 -13.46 -14.17 10.51
C TYR G 35 -14.01 -12.88 9.94
N GLU G 36 -14.48 -11.98 10.81
CA GLU G 36 -14.94 -10.68 10.35
C GLU G 36 -13.79 -9.74 10.04
N GLU G 37 -12.60 -9.99 10.58
CA GLU G 37 -11.49 -9.08 10.37
C GLU G 37 -10.87 -9.26 8.99
N THR G 38 -10.38 -10.46 8.71
CA THR G 38 -9.60 -10.69 7.49
C THR G 38 -10.36 -10.26 6.24
N ARG G 39 -11.69 -10.46 6.24
CA ARG G 39 -12.49 -10.06 5.09
C ARG G 39 -12.20 -8.62 4.70
N GLY G 40 -12.27 -7.72 5.67
CA GLY G 40 -12.01 -6.32 5.37
C GLY G 40 -10.66 -6.13 4.71
N VAL G 41 -9.64 -6.78 5.26
CA VAL G 41 -8.29 -6.65 4.69
C VAL G 41 -8.32 -7.02 3.21
N LEU G 42 -8.93 -8.17 2.91
CA LEU G 42 -8.98 -8.63 1.51
C LEU G 42 -9.57 -7.54 0.63
N LYS G 43 -10.69 -6.94 1.07
CA LYS G 43 -11.35 -5.93 0.27
C LYS G 43 -10.38 -4.81 -0.08
N VAL G 44 -9.64 -4.32 0.92
CA VAL G 44 -8.72 -3.21 0.67
C VAL G 44 -7.76 -3.57 -0.45
N PHE G 45 -7.20 -4.79 -0.40
CA PHE G 45 -6.26 -5.21 -1.43
C PHE G 45 -6.89 -5.09 -2.80
N LEU G 46 -8.09 -5.65 -2.96
CA LEU G 46 -8.74 -5.58 -4.27
C LEU G 46 -8.93 -4.13 -4.69
N GLU G 47 -9.36 -3.28 -3.76
CA GLU G 47 -9.66 -1.90 -4.09
C GLU G 47 -8.46 -1.19 -4.68
N ASN G 48 -7.25 -1.70 -4.43
CA ASN G 48 -6.11 -1.16 -5.15
C ASN G 48 -6.03 -1.72 -6.56
N VAL G 49 -5.82 -3.03 -6.67
CA VAL G 49 -5.34 -3.59 -7.94
C VAL G 49 -6.37 -3.38 -9.03
N ILE G 50 -7.64 -3.66 -8.74
CA ILE G 50 -8.69 -3.51 -9.74
C ILE G 50 -8.67 -2.09 -10.29
N ARG G 51 -8.59 -1.10 -9.40
CA ARG G 51 -8.59 0.28 -9.85
C ARG G 51 -7.51 0.50 -10.90
N ASP G 52 -6.28 0.08 -10.59
CA ASP G 52 -5.19 0.29 -11.53
C ASP G 52 -5.47 -0.38 -12.86
N ALA G 53 -6.00 -1.61 -12.82
CA ALA G 53 -6.31 -2.30 -14.06
C ALA G 53 -7.30 -1.48 -14.88
N VAL G 54 -8.33 -0.93 -14.23
CA VAL G 54 -9.32 -0.15 -14.97
C VAL G 54 -8.64 1.01 -15.67
N THR G 55 -7.66 1.63 -15.00
CA THR G 55 -6.95 2.74 -15.62
C THR G 55 -6.38 2.35 -16.97
N TYR G 56 -5.76 1.17 -17.05
CA TYR G 56 -5.19 0.75 -18.33
C TYR G 56 -6.28 0.59 -19.38
N THR G 57 -7.44 0.05 -18.98
CA THR G 57 -8.55 -0.06 -19.91
C THR G 57 -9.02 1.31 -20.39
N GLU G 58 -8.87 2.33 -19.54
CA GLU G 58 -9.15 3.69 -20.00
C GLU G 58 -8.19 4.11 -21.10
N HIS G 59 -6.91 3.78 -20.95
CA HIS G 59 -5.90 4.36 -21.83
C HIS G 59 -5.95 3.76 -23.23
N ALA G 60 -6.33 2.50 -23.37
CA ALA G 60 -6.41 1.86 -24.67
C ALA G 60 -7.76 2.09 -25.34
N LYS G 61 -8.64 2.87 -24.72
CA LYS G 61 -9.97 3.17 -25.26
C LYS G 61 -10.74 1.89 -25.56
N ARG G 62 -10.66 0.92 -24.64
CA ARG G 62 -11.37 -0.34 -24.74
C ARG G 62 -12.47 -0.40 -23.69
N LYS G 63 -13.31 -1.42 -23.81
CA LYS G 63 -14.41 -1.64 -22.87
C LYS G 63 -14.29 -2.93 -22.10
N THR G 64 -13.22 -3.69 -22.28
CA THR G 64 -13.04 -4.96 -21.62
C THR G 64 -11.73 -4.98 -20.84
N VAL G 65 -11.73 -5.64 -19.69
CA VAL G 65 -10.55 -5.79 -18.86
C VAL G 65 -9.88 -7.11 -19.21
N THR G 66 -8.62 -7.04 -19.61
CA THR G 66 -7.88 -8.21 -20.10
C THR G 66 -6.86 -8.63 -19.06
N ALA G 67 -6.49 -9.91 -19.10
CA ALA G 67 -5.50 -10.43 -18.15
C ALA G 67 -4.19 -9.66 -18.21
N MET G 68 -3.83 -9.13 -19.38
CA MET G 68 -2.61 -8.37 -19.49
C MET G 68 -2.64 -7.12 -18.61
N ASP G 69 -3.77 -6.42 -18.59
CA ASP G 69 -3.88 -5.25 -17.73
C ASP G 69 -3.75 -5.63 -16.27
N VAL G 70 -4.34 -6.76 -15.88
CA VAL G 70 -4.27 -7.19 -14.48
C VAL G 70 -2.83 -7.51 -14.09
N VAL G 71 -2.11 -8.24 -14.94
CA VAL G 71 -0.73 -8.60 -14.58
C VAL G 71 0.14 -7.35 -14.57
N TYR G 72 -0.12 -6.39 -15.47
CA TYR G 72 0.61 -5.13 -15.46
C TYR G 72 0.40 -4.37 -14.16
N ALA G 73 -0.86 -4.26 -13.73
CA ALA G 73 -1.16 -3.57 -12.49
C ALA G 73 -0.55 -4.29 -11.30
N LEU G 74 -0.59 -5.61 -11.30
CA LEU G 74 0.02 -6.37 -10.21
C LEU G 74 1.53 -6.12 -10.14
N LYS G 75 2.19 -6.13 -11.31
CA LYS G 75 3.63 -5.88 -11.33
C LYS G 75 3.95 -4.48 -10.82
N ARG G 76 3.15 -3.50 -11.22
CA ARG G 76 3.38 -2.14 -10.73
C ARG G 76 3.13 -2.04 -9.24
N GLN G 77 2.15 -2.80 -8.72
CA GLN G 77 1.76 -2.69 -7.32
C GLN G 77 2.90 -3.06 -6.39
N GLY G 78 3.70 -4.05 -6.78
CA GLY G 78 4.82 -4.47 -5.95
C GLY G 78 5.04 -5.97 -5.96
N ARG G 79 4.03 -6.73 -6.35
CA ARG G 79 4.09 -8.19 -6.36
C ARG G 79 3.72 -8.70 -7.75
N THR G 80 4.67 -9.40 -8.38
CA THR G 80 4.50 -9.84 -9.76
C THR G 80 3.72 -11.14 -9.81
N LEU G 81 3.68 -11.78 -10.99
CA LEU G 81 2.90 -12.99 -11.19
C LEU G 81 3.39 -13.69 -12.44
N TYR G 82 3.62 -15.00 -12.35
CA TYR G 82 4.11 -15.80 -13.46
C TYR G 82 3.05 -16.78 -13.91
N GLY G 83 2.85 -16.88 -15.21
CA GLY G 83 1.98 -17.89 -15.78
C GLY G 83 0.70 -17.40 -16.45
N PHE G 84 0.62 -16.13 -16.83
CA PHE G 84 -0.56 -15.64 -17.54
C PHE G 84 -0.17 -14.80 -18.75
N GLY G 85 0.95 -15.14 -19.39
CA GLY G 85 1.39 -14.42 -20.57
C GLY G 85 2.11 -13.14 -20.22
N GLY G 86 3.24 -12.88 -20.87
CA GLY G 86 4.00 -11.67 -20.61
C GLY G 86 4.58 -11.59 -19.22
N ALA H 4 10.20 35.78 -29.00
CA ALA H 4 10.20 36.92 -28.09
C ALA H 4 9.38 36.61 -26.85
N VAL H 5 8.25 35.94 -27.04
CA VAL H 5 7.37 35.56 -25.94
C VAL H 5 7.74 34.16 -25.48
N SER H 6 8.21 34.05 -24.24
CA SER H 6 8.63 32.75 -23.73
C SER H 6 7.43 31.83 -23.54
N ARG H 7 7.66 30.53 -23.80
CA ARG H 7 6.58 29.57 -23.72
C ARG H 7 6.05 29.44 -22.30
N SER H 8 6.93 29.52 -21.30
CA SER H 8 6.48 29.44 -19.91
C SER H 8 5.57 30.60 -19.56
N GLN H 9 5.93 31.82 -20.00
CA GLN H 9 5.07 32.97 -19.75
C GLN H 9 3.76 32.87 -20.53
N ARG H 10 3.78 32.24 -21.70
CA ARG H 10 2.54 32.05 -22.44
C ARG H 10 1.57 31.18 -21.67
N ALA H 11 2.07 30.15 -21.00
CA ALA H 11 1.25 29.25 -20.21
C ALA H 11 1.05 29.73 -18.77
N GLY H 12 1.66 30.85 -18.40
CA GLY H 12 1.53 31.36 -17.04
C GLY H 12 2.13 30.45 -15.98
N LEU H 13 3.28 29.84 -16.29
CA LEU H 13 3.94 28.92 -15.39
C LEU H 13 5.37 29.39 -15.13
N GLN H 14 5.82 29.21 -13.89
CA GLN H 14 7.17 29.64 -13.54
C GLN H 14 8.24 28.71 -14.09
N PHE H 15 7.95 27.42 -14.15
CA PHE H 15 8.97 26.46 -14.56
C PHE H 15 9.27 26.58 -16.05
N PRO H 16 10.50 26.29 -16.47
CA PRO H 16 10.90 26.47 -17.87
C PRO H 16 10.39 25.33 -18.73
N VAL H 17 9.51 25.65 -19.68
CA VAL H 17 8.94 24.63 -20.55
C VAL H 17 10.01 24.11 -21.52
N GLY H 18 10.82 25.00 -22.08
CA GLY H 18 11.79 24.59 -23.08
C GLY H 18 12.83 23.64 -22.52
N ARG H 19 13.31 23.90 -21.31
CA ARG H 19 14.37 23.06 -20.74
C ARG H 19 13.86 21.65 -20.48
N ILE H 20 12.67 21.51 -19.91
CA ILE H 20 12.14 20.17 -19.67
C ILE H 20 11.59 19.56 -20.94
N HIS H 21 11.43 20.32 -22.01
CA HIS H 21 11.20 19.74 -23.32
C HIS H 21 12.49 19.13 -23.87
N ARG H 22 13.61 19.83 -23.68
CA ARG H 22 14.89 19.27 -24.11
C ARG H 22 15.26 18.02 -23.32
N HIS H 23 15.05 18.05 -22.01
CA HIS H 23 15.36 16.88 -21.19
C HIS H 23 14.53 15.68 -21.60
N LEU H 24 13.23 15.90 -21.82
CA LEU H 24 12.33 14.81 -22.15
C LEU H 24 12.62 14.19 -23.52
N LYS H 25 13.38 14.90 -24.36
CA LYS H 25 13.68 14.39 -25.69
C LYS H 25 14.80 13.36 -25.69
N SER H 26 15.54 13.23 -24.60
CA SER H 26 16.54 12.18 -24.46
C SER H 26 16.08 11.07 -23.52
N ARG H 27 14.78 10.99 -23.25
CA ARG H 27 14.21 9.96 -22.39
C ARG H 27 13.45 8.89 -23.15
N THR H 28 13.01 9.18 -24.37
CA THR H 28 12.30 8.19 -25.17
C THR H 28 13.27 7.13 -25.67
N THR H 29 12.77 6.22 -26.51
CA THR H 29 13.53 5.08 -26.97
C THR H 29 13.75 5.14 -28.48
N SER H 30 15.00 4.98 -28.91
CA SER H 30 15.38 4.88 -30.30
C SER H 30 14.79 5.99 -31.16
N HIS H 31 13.69 5.69 -31.86
CA HIS H 31 13.04 6.63 -32.75
C HIS H 31 11.84 7.31 -32.11
N GLY H 32 11.89 7.52 -30.79
CA GLY H 32 10.78 8.14 -30.11
C GLY H 32 10.60 9.60 -30.51
N ARG H 33 9.36 10.05 -30.43
CA ARG H 33 9.00 11.43 -30.70
C ARG H 33 8.21 11.98 -29.52
N VAL H 34 8.25 13.30 -29.35
CA VAL H 34 7.59 13.96 -28.24
C VAL H 34 6.64 15.01 -28.77
N GLY H 35 5.47 15.11 -28.15
CA GLY H 35 4.47 16.07 -28.54
C GLY H 35 4.83 17.48 -28.11
N ALA H 36 3.86 18.38 -28.23
CA ALA H 36 4.08 19.78 -27.91
C ALA H 36 3.56 20.18 -26.54
N THR H 37 2.48 19.56 -26.05
CA THR H 37 1.89 19.92 -24.79
C THR H 37 2.41 19.09 -23.62
N ALA H 38 3.21 18.07 -23.87
CA ALA H 38 3.72 17.24 -22.79
C ALA H 38 4.57 18.04 -21.82
N ALA H 39 5.46 18.88 -22.36
CA ALA H 39 6.31 19.69 -21.50
C ALA H 39 5.48 20.64 -20.64
N VAL H 40 4.47 21.27 -21.23
CA VAL H 40 3.61 22.19 -20.48
C VAL H 40 2.91 21.45 -19.35
N TYR H 41 2.36 20.27 -19.66
CA TYR H 41 1.59 19.53 -18.66
C TYR H 41 2.50 19.11 -17.50
N SER H 42 3.68 18.59 -17.81
CA SER H 42 4.58 18.13 -16.75
C SER H 42 5.12 19.30 -15.93
N ALA H 43 5.39 20.44 -16.58
CA ALA H 43 5.80 21.62 -15.83
C ALA H 43 4.72 22.06 -14.85
N ALA H 44 3.46 22.03 -15.29
CA ALA H 44 2.38 22.37 -14.38
C ALA H 44 2.34 21.43 -13.20
N ILE H 45 2.52 20.13 -13.44
CA ILE H 45 2.49 19.16 -12.33
C ILE H 45 3.58 19.46 -11.33
N LEU H 46 4.82 19.67 -11.81
CA LEU H 46 5.93 19.91 -10.91
C LEU H 46 5.71 21.18 -10.10
N GLU H 47 5.24 22.24 -10.76
CA GLU H 47 5.04 23.50 -10.05
C GLU H 47 3.98 23.34 -8.96
N TYR H 48 2.89 22.64 -9.27
CA TYR H 48 1.84 22.45 -8.25
C TYR H 48 2.38 21.70 -7.04
N LEU H 49 3.12 20.62 -7.27
CA LEU H 49 3.62 19.83 -6.16
C LEU H 49 4.58 20.64 -5.28
N THR H 50 5.52 21.35 -5.93
CA THR H 50 6.45 22.16 -5.16
C THR H 50 5.74 23.26 -4.39
N ALA H 51 4.72 23.86 -4.99
CA ALA H 51 3.96 24.90 -4.29
C ALA H 51 3.31 24.35 -3.03
N GLU H 52 2.69 23.17 -3.13
CA GLU H 52 2.04 22.62 -1.95
C GLU H 52 3.04 22.29 -0.85
N VAL H 53 4.16 21.65 -1.21
CA VAL H 53 5.14 21.27 -0.19
C VAL H 53 5.73 22.52 0.47
N LEU H 54 6.10 23.53 -0.32
CA LEU H 54 6.66 24.73 0.25
C LEU H 54 5.66 25.46 1.13
N GLU H 55 4.39 25.48 0.73
CA GLU H 55 3.38 26.14 1.55
C GLU H 55 3.31 25.48 2.92
N LEU H 56 3.26 24.14 2.95
CA LEU H 56 3.20 23.44 4.23
C LEU H 56 4.44 23.71 5.08
N ALA H 57 5.63 23.63 4.46
CA ALA H 57 6.86 23.82 5.22
C ALA H 57 6.97 25.23 5.77
N GLY H 58 6.62 26.23 4.95
CA GLY H 58 6.66 27.61 5.42
C GLY H 58 5.66 27.88 6.53
N ASN H 59 4.47 27.26 6.44
CA ASN H 59 3.50 27.43 7.51
C ASN H 59 4.03 26.84 8.82
N ALA H 60 4.66 25.67 8.75
CA ALA H 60 5.24 25.09 9.96
C ALA H 60 6.37 25.97 10.51
N SER H 61 7.20 26.52 9.62
CA SER H 61 8.29 27.38 10.06
C SER H 61 7.76 28.64 10.74
N LYS H 62 6.71 29.23 10.19
CA LYS H 62 6.07 30.37 10.85
C LYS H 62 5.51 29.97 12.20
N ASP H 63 4.94 28.77 12.30
CA ASP H 63 4.42 28.29 13.57
C ASP H 63 5.53 28.18 14.61
N LEU H 64 6.69 27.67 14.23
CA LEU H 64 7.81 27.52 15.16
C LEU H 64 8.52 28.85 15.44
N LYS H 65 8.06 29.95 14.82
CA LYS H 65 8.56 31.30 15.09
C LYS H 65 10.02 31.46 14.66
N VAL H 66 10.32 31.01 13.44
CA VAL H 66 11.64 31.19 12.83
C VAL H 66 11.43 31.77 11.45
N LYS H 67 12.33 32.67 11.04
CA LYS H 67 12.17 33.43 9.81
C LYS H 67 12.56 32.65 8.55
N ARG H 68 13.27 31.52 8.69
CA ARG H 68 13.75 30.79 7.53
C ARG H 68 13.38 29.31 7.66
N ILE H 69 13.64 28.56 6.59
CA ILE H 69 13.26 27.17 6.47
C ILE H 69 14.52 26.31 6.54
N THR H 70 14.46 25.25 7.32
CA THR H 70 15.54 24.28 7.48
C THR H 70 14.96 22.88 7.30
N PRO H 71 15.81 21.89 6.97
CA PRO H 71 15.30 20.54 6.67
C PRO H 71 14.42 19.94 7.75
N ARG H 72 14.58 20.38 9.00
CA ARG H 72 13.70 19.93 10.06
C ARG H 72 12.25 20.31 9.76
N HIS H 73 12.03 21.55 9.30
CA HIS H 73 10.69 21.99 8.94
C HIS H 73 10.14 21.18 7.78
N LEU H 74 10.98 20.85 6.80
CA LEU H 74 10.53 20.03 5.68
C LEU H 74 10.11 18.64 6.15
N GLN H 75 10.89 18.03 7.04
CA GLN H 75 10.52 16.73 7.58
C GLN H 75 9.20 16.80 8.32
N LEU H 76 9.01 17.83 9.14
CA LEU H 76 7.76 17.98 9.88
C LEU H 76 6.59 18.14 8.93
N ALA H 77 6.74 18.95 7.88
CA ALA H 77 5.66 19.16 6.93
C ALA H 77 5.32 17.88 6.19
N ILE H 78 6.34 17.13 5.75
CA ILE H 78 6.08 15.91 5.00
C ILE H 78 5.38 14.88 5.87
N ARG H 79 5.83 14.71 7.12
CA ARG H 79 5.17 13.74 7.99
C ARG H 79 3.86 14.28 8.57
N GLY H 80 3.55 15.56 8.36
CA GLY H 80 2.35 16.13 8.93
C GLY H 80 1.08 15.51 8.38
N ASP H 81 1.05 15.28 7.06
CA ASP H 81 -0.17 14.75 6.39
C ASP H 81 0.08 13.35 5.82
N GLU H 82 -0.96 12.52 5.79
CA GLU H 82 -0.81 11.12 5.32
C GLU H 82 -0.50 11.03 3.83
N GLU H 83 -1.12 11.86 3.00
CA GLU H 83 -0.94 11.67 1.54
C GLU H 83 0.53 11.82 1.17
N LEU H 84 1.22 12.83 1.68
CA LEU H 84 2.61 13.02 1.22
C LEU H 84 3.41 11.87 1.80
N ASP H 85 3.03 11.40 2.98
CA ASP H 85 3.83 10.32 3.63
C ASP H 85 3.89 9.10 2.72
N SER H 86 2.76 8.71 2.13
CA SER H 86 2.77 7.55 1.21
C SER H 86 3.57 7.83 -0.07
N LEU H 87 3.45 9.02 -0.66
CA LEU H 87 4.15 9.28 -1.94
C LEU H 87 5.64 9.39 -1.66
N ILE H 88 6.02 10.36 -0.85
CA ILE H 88 7.45 10.52 -0.67
C ILE H 88 7.92 9.54 0.39
N LYS H 89 8.89 8.70 0.03
CA LYS H 89 9.56 7.81 0.98
C LYS H 89 11.05 7.98 0.77
N ALA H 90 11.72 8.59 1.74
CA ALA H 90 13.15 8.87 1.65
C ALA H 90 13.62 9.25 3.05
N THR H 91 14.90 9.52 3.18
CA THR H 91 15.49 9.95 4.45
C THR H 91 16.04 11.36 4.23
N ILE H 92 15.26 12.37 4.60
CA ILE H 92 15.70 13.74 4.46
C ILE H 92 16.90 13.98 5.35
N ALA H 93 17.97 14.52 4.78
CA ALA H 93 19.22 14.69 5.51
C ALA H 93 19.06 15.71 6.63
N GLY H 94 19.45 15.32 7.84
CA GLY H 94 19.27 16.20 8.99
C GLY H 94 17.82 16.46 9.33
N GLY H 95 16.98 15.43 9.27
CA GLY H 95 15.57 15.61 9.51
C GLY H 95 15.12 15.33 10.94
N GLY H 96 15.50 14.18 11.47
CA GLY H 96 15.08 13.78 12.79
C GLY H 96 13.90 12.84 12.79
N VAL H 97 13.22 12.79 13.94
CA VAL H 97 12.07 11.91 14.14
C VAL H 97 10.92 12.75 14.68
N ILE H 98 9.70 12.41 14.26
CA ILE H 98 8.52 13.06 14.82
C ILE H 98 8.36 12.64 16.28
N PRO H 99 8.20 13.59 17.21
CA PRO H 99 8.13 13.21 18.63
C PRO H 99 6.88 12.43 18.98
N HIS H 100 7.06 11.15 19.35
CA HIS H 100 5.97 10.31 19.80
C HIS H 100 6.46 9.40 20.91
N ILE H 101 5.67 9.29 21.97
CA ILE H 101 5.98 8.43 23.11
C ILE H 101 4.84 7.44 23.28
N HIS H 102 5.19 6.15 23.35
CA HIS H 102 4.18 5.11 23.50
C HIS H 102 3.47 5.23 24.85
N LYS H 103 2.18 4.89 24.85
CA LYS H 103 1.38 5.01 26.06
C LYS H 103 1.88 4.09 27.17
N SER H 104 2.26 2.86 26.81
CA SER H 104 2.70 1.88 27.81
C SER H 104 3.98 2.29 28.50
N LEU H 105 4.74 3.23 27.92
CA LEU H 105 5.97 3.68 28.55
C LEU H 105 5.68 4.52 29.80
N ILE H 106 4.70 5.41 29.71
CA ILE H 106 4.31 6.23 30.86
C ILE H 106 3.11 5.63 31.59
N GLY H 107 2.15 5.06 30.86
CA GLY H 107 1.03 4.36 31.46
C GLY H 107 0.02 5.29 32.13
N LYS H 108 -0.77 4.68 33.02
CA LYS H 108 -1.75 5.43 33.80
C LYS H 108 -1.08 6.43 34.73
N LYS H 109 0.15 6.14 35.16
CA LYS H 109 0.90 7.10 35.96
C LYS H 109 1.26 8.35 35.17
N GLY H 110 1.19 8.30 33.84
CA GLY H 110 1.44 9.45 33.02
C GLY H 110 0.20 9.97 32.32
N GLN H 111 -0.89 9.21 32.39
CA GLN H 111 -2.12 9.62 31.74
C GLN H 111 -2.71 10.88 32.38
N GLN H 112 -2.79 10.89 33.72
CA GLN H 112 -3.21 12.09 34.43
C GLN H 112 -2.28 12.33 35.62
N ARG I 1 33.77 24.70 -19.69
CA ARG I 1 32.82 25.67 -19.16
C ARG I 1 32.53 25.40 -17.68
N SER I 2 32.27 24.13 -17.36
CA SER I 2 31.94 23.70 -16.01
C SER I 2 30.71 24.43 -15.47
N ARG I 3 29.69 24.56 -16.32
CA ARG I 3 28.43 25.21 -15.96
C ARG I 3 27.36 24.17 -15.74
N LYS I 4 26.70 24.22 -14.58
CA LYS I 4 25.66 23.27 -14.21
C LYS I 4 24.29 23.94 -14.25
N GLU I 5 23.26 23.10 -14.11
CA GLU I 5 21.88 23.55 -14.16
C GLU I 5 21.11 22.99 -12.97
N SER I 6 20.14 23.77 -12.50
CA SER I 6 19.33 23.38 -11.35
C SER I 6 17.97 24.05 -11.47
N TYR I 7 17.13 23.86 -10.45
CA TYR I 7 15.80 24.45 -10.39
C TYR I 7 15.69 25.48 -9.27
N SER I 8 16.82 26.05 -8.84
CA SER I 8 16.80 26.95 -7.68
C SER I 8 15.99 28.21 -7.95
N VAL I 9 16.16 28.82 -9.13
CA VAL I 9 15.50 30.07 -9.42
C VAL I 9 13.98 29.91 -9.41
N TYR I 10 13.49 28.84 -10.02
CA TYR I 10 12.06 28.65 -10.15
C TYR I 10 11.40 28.33 -8.81
N VAL I 11 12.05 27.50 -7.99
CA VAL I 11 11.50 27.23 -6.67
C VAL I 11 11.57 28.48 -5.80
N TYR I 12 12.60 29.31 -5.98
CA TYR I 12 12.64 30.59 -5.27
C TYR I 12 11.47 31.48 -5.67
N LYS I 13 11.17 31.53 -6.97
CA LYS I 13 10.03 32.33 -7.43
C LYS I 13 8.73 31.80 -6.85
N VAL I 14 8.54 30.49 -6.83
CA VAL I 14 7.33 29.91 -6.26
C VAL I 14 7.22 30.24 -4.78
N LEU I 15 8.34 30.14 -4.05
CA LEU I 15 8.31 30.46 -2.62
C LEU I 15 7.96 31.92 -2.39
N LYS I 16 8.54 32.83 -3.18
CA LYS I 16 8.20 34.23 -3.06
C LYS I 16 6.72 34.48 -3.40
N GLN I 17 6.16 33.67 -4.30
CA GLN I 17 4.75 33.83 -4.65
C GLN I 17 3.83 33.29 -3.57
N VAL I 18 4.25 32.26 -2.83
CA VAL I 18 3.39 31.65 -1.82
C VAL I 18 3.48 32.40 -0.50
N HIS I 19 4.68 32.45 0.08
CA HIS I 19 4.93 33.22 1.30
C HIS I 19 5.84 34.38 0.96
N PRO I 20 5.32 35.61 0.85
CA PRO I 20 6.15 36.73 0.38
C PRO I 20 7.23 37.16 1.35
N ASP I 21 7.18 36.73 2.61
CA ASP I 21 8.09 37.24 3.63
C ASP I 21 8.92 36.16 4.30
N THR I 22 9.22 35.07 3.61
CA THR I 22 10.02 33.98 4.18
C THR I 22 11.19 33.66 3.26
N GLY I 23 12.35 33.40 3.86
CA GLY I 23 13.53 32.98 3.14
C GLY I 23 13.79 31.49 3.30
N ILE I 24 14.74 31.00 2.52
CA ILE I 24 15.08 29.58 2.50
C ILE I 24 16.59 29.43 2.69
N SER I 25 16.97 28.27 3.22
CA SER I 25 18.37 27.95 3.47
C SER I 25 18.98 27.33 2.21
N SER I 26 20.17 26.74 2.35
CA SER I 26 20.82 26.07 1.23
C SER I 26 20.53 24.57 1.22
N LYS I 27 20.56 23.93 2.40
CA LYS I 27 20.23 22.51 2.46
C LYS I 27 18.79 22.26 2.01
N ALA I 28 17.88 23.18 2.34
CA ALA I 28 16.51 23.06 1.87
C ALA I 28 16.46 23.14 0.35
N MET I 29 17.29 24.01 -0.24
CA MET I 29 17.36 24.08 -1.70
C MET I 29 17.83 22.76 -2.29
N GLY I 30 18.85 22.15 -1.67
CA GLY I 30 19.30 20.84 -2.15
C GLY I 30 18.22 19.78 -2.06
N ILE I 31 17.49 19.76 -0.95
CA ILE I 31 16.42 18.78 -0.78
C ILE I 31 15.35 18.98 -1.85
N MET I 32 14.98 20.23 -2.11
CA MET I 32 13.95 20.50 -3.13
C MET I 32 14.42 20.06 -4.50
N ASN I 33 15.69 20.34 -4.84
CA ASN I 33 16.20 19.93 -6.14
C ASN I 33 16.14 18.42 -6.29
N SER I 34 16.59 17.69 -5.27
CA SER I 34 16.58 16.23 -5.34
C SER I 34 15.15 15.70 -5.49
N PHE I 35 14.22 16.26 -4.74
CA PHE I 35 12.83 15.80 -4.81
C PHE I 35 12.25 16.02 -6.20
N VAL I 36 12.50 17.21 -6.78
CA VAL I 36 11.97 17.50 -8.11
C VAL I 36 12.55 16.54 -9.14
N ASN I 37 13.87 16.32 -9.08
CA ASN I 37 14.49 15.43 -10.05
C ASN I 37 13.94 14.02 -9.93
N ASP I 38 13.75 13.54 -8.70
CA ASP I 38 13.24 12.18 -8.50
C ASP I 38 11.83 12.03 -9.06
N ILE I 39 10.94 12.98 -8.76
CA ILE I 39 9.58 12.83 -9.23
C ILE I 39 9.50 12.97 -10.74
N PHE I 40 10.33 13.83 -11.33
CA PHE I 40 10.37 13.94 -12.78
C PHE I 40 10.83 12.64 -13.42
N GLU I 41 11.84 11.99 -12.82
CA GLU I 41 12.30 10.71 -13.35
C GLU I 41 11.19 9.66 -13.28
N ARG I 42 10.45 9.62 -12.17
CA ARG I 42 9.36 8.65 -12.04
C ARG I 42 8.31 8.87 -13.13
N ILE I 43 7.89 10.12 -13.32
CA ILE I 43 6.86 10.41 -14.32
C ILE I 43 7.34 10.03 -15.71
N ALA I 44 8.57 10.41 -16.05
CA ALA I 44 9.08 10.13 -17.39
C ALA I 44 9.18 8.63 -17.62
N GLY I 45 9.69 7.88 -16.64
CA GLY I 45 9.81 6.44 -16.82
C GLY I 45 8.47 5.76 -17.02
N GLU I 46 7.49 6.11 -16.17
CA GLU I 46 6.18 5.49 -16.30
C GLU I 46 5.54 5.84 -17.64
N ALA I 47 5.65 7.10 -18.08
CA ALA I 47 5.04 7.49 -19.34
C ALA I 47 5.69 6.77 -20.52
N SER I 48 7.02 6.68 -20.53
CA SER I 48 7.69 6.00 -21.63
C SER I 48 7.30 4.53 -21.68
N ARG I 49 7.28 3.87 -20.52
CA ARG I 49 6.90 2.46 -20.50
C ARG I 49 5.46 2.27 -20.98
N LEU I 50 4.55 3.13 -20.51
CA LEU I 50 3.14 3.02 -20.88
C LEU I 50 2.95 3.22 -22.38
N ALA I 51 3.66 4.18 -22.97
CA ALA I 51 3.60 4.34 -24.42
C ALA I 51 4.17 3.12 -25.12
N HIS I 52 5.20 2.49 -24.55
CA HIS I 52 5.73 1.28 -25.14
C HIS I 52 4.72 0.14 -25.11
N TYR I 53 3.85 0.10 -24.10
CA TYR I 53 2.90 -1.03 -24.01
C TYR I 53 2.02 -1.09 -25.25
N ASN I 54 1.38 0.02 -25.60
CA ASN I 54 0.62 0.10 -26.83
C ASN I 54 1.57 0.16 -28.02
N LYS I 55 1.02 0.07 -29.22
CA LYS I 55 1.84 0.10 -30.42
C LYS I 55 2.06 1.53 -30.88
N ARG I 56 2.51 2.39 -29.99
CA ARG I 56 2.75 3.79 -30.28
C ARG I 56 4.23 4.11 -30.13
N SER I 57 4.63 5.27 -30.65
CA SER I 57 6.03 5.67 -30.57
C SER I 57 6.19 7.16 -30.24
N THR I 58 5.14 7.81 -29.74
CA THR I 58 5.20 9.22 -29.43
C THR I 58 4.63 9.48 -28.05
N ILE I 59 5.16 10.50 -27.38
CA ILE I 59 4.71 10.90 -26.05
C ILE I 59 3.76 12.07 -26.20
N THR I 60 2.56 11.94 -25.64
CA THR I 60 1.52 12.92 -25.79
C THR I 60 0.92 13.21 -24.41
N SER I 61 0.19 14.33 -24.31
CA SER I 61 -0.37 14.73 -23.02
C SER I 61 -1.25 13.65 -22.41
N ARG I 62 -1.90 12.82 -23.24
CA ARG I 62 -2.74 11.76 -22.71
C ARG I 62 -1.91 10.76 -21.90
N GLU I 63 -0.75 10.36 -22.42
CA GLU I 63 0.09 9.40 -21.71
C GLU I 63 0.58 9.97 -20.39
N ILE I 64 0.99 11.24 -20.38
CA ILE I 64 1.47 11.84 -19.15
C ILE I 64 0.33 11.98 -18.14
N GLN I 65 -0.88 12.29 -18.62
CA GLN I 65 -2.03 12.34 -17.72
C GLN I 65 -2.30 10.98 -17.09
N THR I 66 -2.24 9.92 -17.89
CA THR I 66 -2.45 8.58 -17.34
C THR I 66 -1.36 8.23 -16.33
N ALA I 67 -0.12 8.58 -16.62
CA ALA I 67 0.97 8.29 -15.69
C ALA I 67 0.79 9.03 -14.37
N VAL I 68 0.43 10.32 -14.44
CA VAL I 68 0.27 11.10 -13.23
C VAL I 68 -0.99 10.68 -12.48
N ARG I 69 -1.95 10.04 -13.15
CA ARG I 69 -3.06 9.43 -12.44
C ARG I 69 -2.64 8.13 -11.76
N LEU I 70 -1.69 7.40 -12.36
CA LEU I 70 -1.25 6.13 -11.78
C LEU I 70 -0.34 6.33 -10.57
N LEU I 71 0.54 7.33 -10.60
CA LEU I 71 1.59 7.46 -9.60
C LEU I 71 1.26 8.49 -8.51
N LEU I 72 -0.01 8.63 -8.13
CA LEU I 72 -0.35 9.61 -7.12
C LEU I 72 -1.60 9.19 -6.38
N PRO I 73 -1.69 9.46 -5.07
CA PRO I 73 -2.93 9.17 -4.34
C PRO I 73 -4.10 10.02 -4.82
N GLY I 74 -5.28 9.83 -4.23
CA GLY I 74 -6.51 10.34 -4.80
C GLY I 74 -6.63 11.83 -5.05
N GLU I 75 -6.70 12.64 -3.99
CA GLU I 75 -6.98 14.06 -4.19
C GLU I 75 -5.79 14.79 -4.80
N LEU I 76 -4.57 14.35 -4.48
CA LEU I 76 -3.41 14.93 -5.14
C LEU I 76 -3.48 14.73 -6.65
N ALA I 77 -3.82 13.51 -7.08
CA ALA I 77 -3.97 13.25 -8.50
C ALA I 77 -5.08 14.07 -9.11
N LYS I 78 -6.21 14.17 -8.41
CA LYS I 78 -7.34 14.94 -8.93
C LYS I 78 -6.97 16.40 -9.17
N HIS I 79 -6.40 17.04 -8.15
CA HIS I 79 -6.02 18.44 -8.27
C HIS I 79 -4.91 18.64 -9.30
N ALA I 80 -3.95 17.72 -9.36
CA ALA I 80 -2.88 17.84 -10.35
C ALA I 80 -3.43 17.75 -11.76
N VAL I 81 -4.36 16.83 -12.01
CA VAL I 81 -4.95 16.70 -13.33
C VAL I 81 -5.74 17.96 -13.70
N SER I 82 -6.49 18.50 -12.74
CA SER I 82 -7.22 19.74 -13.01
C SER I 82 -6.26 20.89 -13.35
N GLU I 83 -5.16 21.00 -12.60
CA GLU I 83 -4.17 22.04 -12.86
C GLU I 83 -3.57 21.88 -14.25
N GLY I 84 -3.23 20.64 -14.63
CA GLY I 84 -2.65 20.42 -15.93
C GLY I 84 -3.62 20.73 -17.06
N THR I 85 -4.89 20.35 -16.89
CA THR I 85 -5.89 20.67 -17.90
C THR I 85 -6.03 22.17 -18.08
N LYS I 86 -6.08 22.91 -16.97
CA LYS I 86 -6.15 24.36 -17.07
C LYS I 86 -4.94 24.94 -17.79
N ALA I 87 -3.75 24.45 -17.43
CA ALA I 87 -2.52 24.96 -18.03
C ALA I 87 -2.47 24.70 -19.53
N VAL I 88 -2.91 23.51 -19.96
CA VAL I 88 -2.81 23.19 -21.38
C VAL I 88 -3.91 23.89 -22.17
N THR I 89 -5.09 24.11 -21.57
CA THR I 89 -6.13 24.86 -22.27
C THR I 89 -5.73 26.32 -22.43
N LYS I 90 -5.10 26.91 -21.42
CA LYS I 90 -4.64 28.29 -21.54
C LYS I 90 -3.57 28.43 -22.63
N TYR I 91 -2.84 27.36 -22.92
CA TYR I 91 -1.73 27.46 -23.86
C TYR I 91 -2.21 27.60 -25.30
N THR I 92 -3.25 26.87 -25.68
CA THR I 92 -3.68 26.87 -27.08
C THR I 92 -4.16 28.24 -27.53
N SER I 93 -4.90 28.94 -26.66
CA SER I 93 -5.38 30.27 -27.01
C SER I 93 -4.22 31.24 -27.21
N ALA I 94 -3.19 31.15 -26.37
CA ALA I 94 -2.03 32.03 -26.43
C ALA I 94 -2.43 33.50 -26.30
N LYS I 95 -3.38 33.77 -25.41
CA LYS I 95 -3.85 35.12 -25.14
C LYS I 95 -4.38 35.80 -26.39
ZN ZN L . -26.15 17.53 -3.93
N SAM M . -36.90 7.12 -2.30
CA SAM M . -37.95 8.04 -2.71
C SAM M . -37.44 9.08 -3.70
O SAM M . -36.77 8.73 -4.67
OXT SAM M . -37.71 10.26 -3.58
CB SAM M . -38.56 8.74 -1.49
CG SAM M . -37.80 8.55 -0.18
SD SAM M . -36.27 9.51 -0.06
CE SAM M . -35.25 8.40 0.94
C5' SAM M . -36.77 10.75 1.17
C4' SAM M . -35.94 10.77 2.45
O4' SAM M . -34.69 11.38 2.21
C3' SAM M . -36.64 11.56 3.54
O3' SAM M . -36.95 10.72 4.62
C2' SAM M . -35.67 12.64 3.97
O2' SAM M . -35.43 12.54 5.36
C1' SAM M . -34.39 12.34 3.21
N9 SAM M . -33.86 13.56 2.58
C8 SAM M . -34.41 14.23 1.53
N7 SAM M . -33.62 15.29 1.24
C5 SAM M . -32.57 15.31 2.10
C6 SAM M . -31.49 16.16 2.24
N6 SAM M . -31.36 17.20 1.43
N1 SAM M . -30.57 15.93 3.24
C2 SAM M . -30.72 14.85 4.08
N3 SAM M . -31.79 13.99 3.92
C4 SAM M . -32.71 14.22 2.95
#